data_6BZL
#
_entry.id   6BZL
#
_entity_poly.entity_id   1
_entity_poly.type   'polypeptide(L)'
_entity_poly.pdbx_seq_one_letter_code
;GSVEKLTADAELQRLKNERHEEAELERLKSERHDHDKKEAERKALEDKLADKQEHLNGALRYINEKEAERKEKEAEQ
;
_entity_poly.pdbx_strand_id   A
#
# COMPACT_ATOMS: atom_id res chain seq x y z
N GLY A 1 9.27 -57.06 -3.56
CA GLY A 1 7.99 -57.38 -2.90
C GLY A 1 6.82 -56.79 -3.63
N SER A 2 5.75 -56.51 -2.89
CA SER A 2 4.55 -55.93 -3.46
C SER A 2 4.22 -54.62 -2.74
N VAL A 3 5.23 -54.08 -2.06
CA VAL A 3 5.10 -52.85 -1.28
C VAL A 3 4.61 -51.69 -2.14
N GLU A 4 4.95 -51.73 -3.43
CA GLU A 4 4.55 -50.69 -4.39
C GLU A 4 3.03 -50.52 -4.40
N LYS A 5 2.30 -51.59 -4.11
CA LYS A 5 0.85 -51.54 -4.11
C LYS A 5 0.34 -50.97 -2.79
N LEU A 6 0.91 -51.43 -1.69
CA LEU A 6 0.48 -50.99 -0.36
C LEU A 6 0.74 -49.51 -0.15
N THR A 7 1.92 -49.06 -0.56
CA THR A 7 2.28 -47.68 -0.40
C THR A 7 1.43 -46.76 -1.28
N ALA A 8 0.83 -47.32 -2.32
CA ALA A 8 0.00 -46.54 -3.24
C ALA A 8 -1.26 -46.03 -2.53
N ASP A 9 -1.74 -46.79 -1.55
CA ASP A 9 -2.92 -46.38 -0.80
C ASP A 9 -2.54 -45.44 0.32
N ALA A 10 -1.30 -45.56 0.78
CA ALA A 10 -0.81 -44.70 1.85
C ALA A 10 -0.45 -43.32 1.29
N GLU A 11 0.00 -43.29 0.04
CA GLU A 11 0.34 -42.03 -0.63
C GLU A 11 -0.93 -41.31 -1.04
N LEU A 12 -1.92 -42.08 -1.47
CA LEU A 12 -3.22 -41.52 -1.85
C LEU A 12 -3.88 -40.90 -0.62
N GLN A 13 -3.62 -41.51 0.53
CA GLN A 13 -4.19 -41.02 1.79
C GLN A 13 -3.55 -39.69 2.18
N ARG A 14 -2.30 -39.48 1.74
CA ARG A 14 -1.61 -38.23 2.02
C ARG A 14 -2.31 -37.07 1.33
N LEU A 15 -2.87 -37.35 0.15
CA LEU A 15 -3.58 -36.34 -0.62
C LEU A 15 -4.87 -35.97 0.09
N LYS A 16 -5.38 -36.88 0.91
CA LYS A 16 -6.59 -36.65 1.69
C LYS A 16 -6.25 -35.83 2.92
N ASN A 17 -4.96 -35.78 3.23
CA ASN A 17 -4.47 -35.01 4.37
C ASN A 17 -4.11 -33.59 3.96
N GLU A 18 -3.64 -33.43 2.73
CA GLU A 18 -3.24 -32.11 2.22
C GLU A 18 -4.46 -31.23 2.01
N ARG A 19 -5.41 -31.74 1.22
CA ARG A 19 -6.69 -31.06 0.99
C ARG A 19 -6.54 -29.72 0.27
N HIS A 20 -7.67 -29.12 -0.06
CA HIS A 20 -7.73 -27.81 -0.70
C HIS A 20 -8.70 -26.91 0.06
N GLU A 21 -9.50 -27.54 0.92
CA GLU A 21 -10.51 -26.86 1.70
C GLU A 21 -9.93 -25.71 2.51
N GLU A 22 -8.85 -25.98 3.23
CA GLU A 22 -8.23 -24.97 4.09
C GLU A 22 -7.62 -23.84 3.26
N ALA A 23 -7.19 -24.15 2.05
CA ALA A 23 -6.58 -23.16 1.18
C ALA A 23 -7.65 -22.34 0.46
N GLU A 24 -8.84 -22.91 0.37
CA GLU A 24 -9.96 -22.23 -0.27
C GLU A 24 -10.65 -21.34 0.75
N LEU A 25 -10.79 -21.85 1.97
CA LEU A 25 -11.42 -21.10 3.05
C LEU A 25 -10.54 -19.94 3.48
N GLU A 26 -9.22 -20.09 3.29
CA GLU A 26 -8.26 -19.03 3.66
C GLU A 26 -8.55 -17.74 2.89
N ARG A 27 -9.01 -17.92 1.66
CA ARG A 27 -9.34 -16.78 0.79
C ARG A 27 -10.57 -16.07 1.32
N LEU A 28 -11.59 -16.84 1.67
CA LEU A 28 -12.84 -16.28 2.19
C LEU A 28 -12.66 -15.78 3.61
N LYS A 29 -11.70 -16.35 4.31
CA LYS A 29 -11.41 -16.00 5.70
C LYS A 29 -10.90 -14.56 5.80
N SER A 30 -10.36 -14.06 4.71
CA SER A 30 -9.87 -12.68 4.67
C SER A 30 -11.06 -11.72 4.63
N GLU A 31 -12.19 -12.20 4.07
CA GLU A 31 -13.42 -11.40 3.96
C GLU A 31 -13.17 -10.10 3.19
N ARG A 32 -12.20 -10.15 2.28
CA ARG A 32 -11.82 -9.01 1.45
C ARG A 32 -11.15 -7.89 2.24
N HIS A 33 -10.75 -8.19 3.47
CA HIS A 33 -10.05 -7.20 4.29
C HIS A 33 -8.64 -6.99 3.74
N ASP A 34 -8.14 -8.00 3.04
CA ASP A 34 -6.82 -7.91 2.40
C ASP A 34 -6.87 -6.93 1.23
N HIS A 35 -8.07 -6.70 0.71
CA HIS A 35 -8.27 -5.76 -0.38
C HIS A 35 -8.15 -4.34 0.15
N ASP A 36 -8.59 -4.15 1.39
CA ASP A 36 -8.52 -2.84 2.04
C ASP A 36 -7.07 -2.44 2.26
N LYS A 37 -6.21 -3.43 2.47
CA LYS A 37 -4.79 -3.19 2.64
C LYS A 37 -4.23 -2.45 1.42
N LYS A 38 -4.67 -2.88 0.26
CA LYS A 38 -4.25 -2.28 -1.00
C LYS A 38 -4.85 -0.90 -1.17
N GLU A 39 -6.01 -0.69 -0.54
CA GLU A 39 -6.67 0.60 -0.58
C GLU A 39 -5.92 1.60 0.31
N ALA A 40 -5.22 1.07 1.30
CA ALA A 40 -4.46 1.90 2.22
C ALA A 40 -3.30 2.57 1.49
N GLU A 41 -2.79 1.92 0.43
CA GLU A 41 -1.72 2.52 -0.37
C GLU A 41 -2.28 3.65 -1.22
N ARG A 42 -3.51 3.48 -1.67
CA ARG A 42 -4.16 4.50 -2.47
C ARG A 42 -4.52 5.69 -1.58
N LYS A 43 -5.06 5.39 -0.41
CA LYS A 43 -5.43 6.41 0.57
C LYS A 43 -4.19 7.20 1.02
N ALA A 44 -3.04 6.52 1.10
CA ALA A 44 -1.81 7.16 1.50
C ALA A 44 -1.34 8.18 0.46
N LEU A 45 -1.79 7.99 -0.77
CA LEU A 45 -1.41 8.90 -1.85
C LEU A 45 -2.15 10.23 -1.70
N GLU A 46 -3.38 10.18 -1.20
CA GLU A 46 -4.16 11.40 -1.02
C GLU A 46 -3.86 12.01 0.34
N ASP A 47 -3.55 11.15 1.30
CA ASP A 47 -3.27 11.59 2.67
C ASP A 47 -2.00 12.45 2.71
N LYS A 48 -1.06 12.15 1.84
CA LYS A 48 0.19 12.89 1.78
C LYS A 48 0.06 14.09 0.84
N LEU A 49 -0.57 13.87 -0.30
CA LEU A 49 -0.73 14.92 -1.32
C LEU A 49 -1.57 16.08 -0.79
N ALA A 50 -2.67 15.75 -0.13
CA ALA A 50 -3.58 16.78 0.41
C ALA A 50 -2.99 17.43 1.65
N ASP A 51 -2.05 16.76 2.30
CA ASP A 51 -1.43 17.31 3.50
C ASP A 51 -0.37 18.33 3.14
N LYS A 52 0.45 17.99 2.16
CA LYS A 52 1.50 18.89 1.70
C LYS A 52 0.88 20.11 1.03
N GLN A 53 0.12 19.86 -0.05
CA GLN A 53 -0.61 20.90 -0.83
C GLN A 53 0.22 22.17 -1.11
N GLU A 54 1.55 22.02 -1.17
CA GLU A 54 2.46 23.15 -1.41
C GLU A 54 2.22 24.27 -0.40
N HIS A 55 1.83 23.90 0.82
CA HIS A 55 1.55 24.86 1.88
C HIS A 55 0.40 25.80 1.47
N LEU A 56 -0.65 25.22 0.86
CA LEU A 56 -1.83 25.99 0.42
C LEU A 56 -1.45 26.91 -0.75
N ASN A 57 -0.34 26.57 -1.40
CA ASN A 57 0.20 27.36 -2.53
C ASN A 57 0.70 28.72 -2.04
N GLY A 58 0.97 28.80 -0.74
CA GLY A 58 1.46 30.05 -0.13
C GLY A 58 2.93 30.31 -0.44
N ALA A 59 3.33 30.07 -1.68
CA ALA A 59 4.71 30.31 -2.10
C ALA A 59 4.82 31.63 -2.84
N LEU A 60 3.68 32.33 -2.96
CA LEU A 60 3.62 33.63 -3.66
C LEU A 60 3.96 33.47 -5.15
N ARG A 61 3.73 32.28 -5.67
CA ARG A 61 4.04 32.01 -7.07
C ARG A 61 2.78 32.13 -7.93
N TYR A 62 1.62 32.06 -7.29
CA TYR A 62 0.35 32.12 -8.00
C TYR A 62 -0.05 33.57 -8.28
N ILE A 63 0.79 34.51 -7.86
CA ILE A 63 0.51 35.92 -8.06
C ILE A 63 1.17 36.43 -9.35
N ASN A 64 1.09 37.73 -9.57
CA ASN A 64 1.69 38.37 -10.74
C ASN A 64 3.22 38.48 -10.59
N GLU A 65 3.94 37.34 -10.67
CA GLU A 65 5.40 37.33 -10.52
C GLU A 65 6.08 38.19 -11.58
N LYS A 66 5.68 38.00 -12.83
CA LYS A 66 6.29 38.74 -13.94
C LYS A 66 6.08 40.26 -13.76
N GLU A 67 4.93 40.64 -13.22
CA GLU A 67 4.59 42.04 -13.04
C GLU A 67 5.42 42.65 -11.91
N ALA A 68 5.94 41.79 -11.04
CA ALA A 68 6.77 42.24 -9.93
C ALA A 68 8.14 42.69 -10.43
N GLU A 69 8.55 42.14 -11.56
CA GLU A 69 9.82 42.50 -12.16
C GLU A 69 9.63 43.62 -13.17
N ARG A 70 8.72 43.40 -14.10
CA ARG A 70 8.40 44.40 -15.09
C ARG A 70 6.87 44.56 -15.14
N LYS A 71 6.34 45.80 -15.00
CA LYS A 71 4.89 45.98 -14.97
C LYS A 71 4.34 46.18 -16.37
N GLU A 72 5.25 46.27 -17.35
CA GLU A 72 4.88 46.45 -18.75
C GLU A 72 4.17 47.79 -18.96
N LYS A 73 4.45 48.75 -18.08
CA LYS A 73 3.84 50.07 -18.17
C LYS A 73 4.48 50.86 -19.31
N GLU A 74 5.66 50.42 -19.76
CA GLU A 74 6.36 51.06 -20.85
C GLU A 74 5.65 50.79 -22.18
N ALA A 75 4.81 49.77 -22.18
CA ALA A 75 4.05 49.42 -23.36
C ALA A 75 2.68 50.09 -23.29
N GLU A 76 1.75 49.67 -24.14
CA GLU A 76 0.42 50.28 -24.14
C GLU A 76 -0.36 49.86 -22.90
N GLN A 77 -0.15 48.62 -22.45
CA GLN A 77 -0.85 48.06 -21.29
C GLN A 77 -2.37 48.17 -21.44
N GLY A 1 14.27 1.00 -16.50
CA GLY A 1 14.41 0.49 -15.12
C GLY A 1 14.77 -0.98 -15.11
N SER A 2 15.99 -1.29 -14.67
CA SER A 2 16.50 -2.65 -14.61
C SER A 2 16.58 -3.27 -16.01
N VAL A 3 17.67 -2.99 -16.71
CA VAL A 3 17.87 -3.52 -18.06
C VAL A 3 18.52 -4.90 -18.01
N GLU A 4 19.25 -5.15 -16.92
CA GLU A 4 19.88 -6.45 -16.72
C GLU A 4 18.84 -7.43 -16.22
N LYS A 5 18.50 -7.31 -14.93
CA LYS A 5 17.46 -8.12 -14.29
C LYS A 5 17.71 -9.63 -14.48
N LEU A 6 18.97 -10.00 -14.62
CA LEU A 6 19.33 -11.41 -14.83
C LEU A 6 19.09 -12.21 -13.55
N THR A 7 19.25 -11.56 -12.41
CA THR A 7 18.99 -12.19 -11.15
C THR A 7 17.50 -12.07 -10.82
N ALA A 8 16.88 -11.01 -11.37
CA ALA A 8 15.43 -10.74 -11.20
C ALA A 8 15.05 -10.35 -9.77
N ASP A 9 15.99 -10.55 -8.84
CA ASP A 9 15.80 -10.22 -7.39
C ASP A 9 14.81 -11.17 -6.71
N ALA A 10 13.92 -11.75 -7.49
CA ALA A 10 12.90 -12.67 -6.95
C ALA A 10 13.55 -13.91 -6.35
N GLU A 11 14.74 -14.26 -6.83
CA GLU A 11 15.46 -15.41 -6.31
C GLU A 11 15.83 -15.22 -4.84
N LEU A 12 16.02 -13.96 -4.45
CA LEU A 12 16.32 -13.65 -3.05
C LEU A 12 15.04 -13.78 -2.24
N GLN A 13 13.95 -13.31 -2.82
CA GLN A 13 12.63 -13.39 -2.18
C GLN A 13 12.25 -14.85 -1.95
N ARG A 14 12.49 -15.68 -2.96
CA ARG A 14 12.21 -17.10 -2.86
C ARG A 14 13.11 -17.74 -1.82
N LEU A 15 14.41 -17.41 -1.86
CA LEU A 15 15.38 -17.97 -0.91
C LEU A 15 14.99 -17.63 0.52
N LYS A 16 14.36 -16.47 0.71
CA LYS A 16 13.90 -16.04 2.02
C LYS A 16 12.89 -17.06 2.55
N ASN A 17 11.97 -17.46 1.69
CA ASN A 17 10.94 -18.43 2.06
C ASN A 17 11.53 -19.83 2.18
N GLU A 18 12.54 -20.13 1.34
CA GLU A 18 13.19 -21.45 1.33
C GLU A 18 13.86 -21.71 2.68
N ARG A 19 14.42 -20.67 3.24
CA ARG A 19 15.15 -20.78 4.50
C ARG A 19 14.21 -20.59 5.71
N HIS A 20 12.93 -20.32 5.42
CA HIS A 20 11.95 -20.14 6.50
C HIS A 20 11.08 -21.38 6.64
N GLU A 21 10.58 -21.88 5.49
CA GLU A 21 9.72 -23.10 5.42
C GLU A 21 8.35 -22.91 6.12
N GLU A 22 8.37 -22.63 7.42
CA GLU A 22 7.13 -22.45 8.18
C GLU A 22 6.43 -21.18 7.76
N ALA A 23 7.21 -20.21 7.30
CA ALA A 23 6.65 -18.93 6.88
C ALA A 23 5.83 -19.10 5.61
N GLU A 24 6.13 -20.12 4.83
CA GLU A 24 5.40 -20.38 3.59
C GLU A 24 3.96 -20.76 3.89
N LEU A 25 3.80 -21.55 4.94
CA LEU A 25 2.48 -21.99 5.37
C LEU A 25 1.73 -20.82 6.01
N GLU A 26 2.51 -19.83 6.43
CA GLU A 26 1.97 -18.64 7.09
C GLU A 26 1.57 -17.60 6.05
N ARG A 27 2.40 -17.42 5.04
CA ARG A 27 2.13 -16.44 4.00
C ARG A 27 0.82 -16.72 3.29
N LEU A 28 0.48 -17.99 3.15
CA LEU A 28 -0.77 -18.37 2.51
C LEU A 28 -1.98 -17.90 3.33
N LYS A 29 -1.78 -17.76 4.64
CA LYS A 29 -2.84 -17.31 5.54
C LYS A 29 -2.87 -15.78 5.59
N SER A 30 -1.71 -15.17 5.41
CA SER A 30 -1.59 -13.72 5.53
C SER A 30 -1.81 -13.01 4.18
N GLU A 31 -1.44 -13.66 3.09
CA GLU A 31 -1.54 -13.04 1.77
C GLU A 31 -2.86 -13.41 1.08
N ARG A 32 -3.82 -13.87 1.88
CA ARG A 32 -5.13 -14.23 1.35
C ARG A 32 -5.97 -12.98 1.09
N HIS A 33 -5.47 -11.84 1.53
CA HIS A 33 -6.16 -10.59 1.34
C HIS A 33 -5.34 -9.68 0.40
N ASP A 34 -5.92 -8.55 -0.04
CA ASP A 34 -5.21 -7.66 -0.96
C ASP A 34 -5.98 -6.35 -1.15
N HIS A 35 -7.30 -6.43 -1.11
CA HIS A 35 -8.13 -5.26 -1.32
C HIS A 35 -7.94 -4.25 -0.20
N ASP A 36 -8.03 -4.74 1.04
CA ASP A 36 -7.85 -3.88 2.22
C ASP A 36 -6.50 -3.21 2.20
N LYS A 37 -5.51 -3.93 1.71
CA LYS A 37 -4.16 -3.42 1.60
C LYS A 37 -4.10 -2.27 0.62
N LYS A 38 -4.62 -2.49 -0.58
CA LYS A 38 -4.64 -1.44 -1.61
C LYS A 38 -5.46 -0.24 -1.17
N GLU A 39 -6.55 -0.49 -0.44
CA GLU A 39 -7.40 0.59 0.07
C GLU A 39 -6.61 1.48 1.02
N ALA A 40 -5.65 0.89 1.75
CA ALA A 40 -4.85 1.65 2.68
C ALA A 40 -3.71 2.35 1.98
N GLU A 41 -3.14 1.70 0.94
CA GLU A 41 -2.04 2.28 0.20
C GLU A 41 -2.50 3.50 -0.59
N ARG A 42 -3.67 3.40 -1.19
CA ARG A 42 -4.25 4.50 -1.96
C ARG A 42 -4.55 5.71 -1.08
N LYS A 43 -5.27 5.47 0.01
CA LYS A 43 -5.65 6.54 0.91
C LYS A 43 -4.44 7.18 1.59
N ALA A 44 -3.41 6.38 1.83
CA ALA A 44 -2.21 6.89 2.47
C ALA A 44 -1.41 7.77 1.53
N LEU A 45 -1.64 7.61 0.23
CA LEU A 45 -0.94 8.40 -0.76
C LEU A 45 -1.69 9.70 -1.06
N GLU A 46 -3.02 9.64 -1.05
CA GLU A 46 -3.82 10.82 -1.32
C GLU A 46 -3.74 11.81 -0.16
N ASP A 47 -3.52 11.27 1.04
CA ASP A 47 -3.41 12.11 2.25
C ASP A 47 -2.15 12.99 2.19
N LYS A 48 -1.08 12.44 1.60
CA LYS A 48 0.18 13.17 1.51
C LYS A 48 0.08 14.26 0.45
N LEU A 49 -0.71 13.99 -0.57
CA LEU A 49 -0.90 14.96 -1.66
C LEU A 49 -1.82 16.09 -1.19
N ALA A 50 -2.64 15.79 -0.18
CA ALA A 50 -3.56 16.76 0.40
C ALA A 50 -2.84 17.71 1.34
N ASP A 51 -1.64 17.33 1.74
CA ASP A 51 -0.83 18.15 2.65
C ASP A 51 -0.01 19.17 1.88
N LYS A 52 0.61 18.70 0.80
CA LYS A 52 1.52 19.54 0.02
C LYS A 52 0.78 20.50 -0.91
N GLN A 53 -0.53 20.38 -0.98
CA GLN A 53 -1.37 21.27 -1.78
C GLN A 53 -2.85 21.03 -1.48
N GLU A 54 -3.74 21.64 -2.24
CA GLU A 54 -5.16 21.47 -2.00
C GLU A 54 -5.67 20.29 -2.82
N HIS A 55 -6.07 19.23 -2.13
CA HIS A 55 -6.53 18.01 -2.79
C HIS A 55 -7.77 17.45 -2.08
N LEU A 56 -8.44 18.29 -1.32
CA LEU A 56 -9.64 17.88 -0.60
C LEU A 56 -10.88 18.42 -1.28
N ASN A 57 -10.80 19.65 -1.75
CA ASN A 57 -11.90 20.27 -2.47
C ASN A 57 -11.63 20.20 -3.97
N GLY A 58 -10.45 20.66 -4.35
CA GLY A 58 -10.07 20.64 -5.75
C GLY A 58 -9.66 22.00 -6.25
N ALA A 59 -9.39 22.93 -5.31
CA ALA A 59 -8.99 24.32 -5.64
C ALA A 59 -10.02 24.99 -6.56
N LEU A 60 -11.26 24.52 -6.48
CA LEU A 60 -12.33 25.08 -7.28
C LEU A 60 -13.27 25.91 -6.42
N ARG A 61 -13.54 27.12 -6.87
CA ARG A 61 -14.40 28.02 -6.12
C ARG A 61 -15.88 27.61 -6.28
N TYR A 62 -16.80 28.38 -5.71
CA TYR A 62 -18.21 28.05 -5.76
C TYR A 62 -18.99 29.10 -6.51
N ILE A 63 -18.40 30.27 -6.69
CA ILE A 63 -19.03 31.33 -7.47
C ILE A 63 -18.98 30.97 -8.97
N ASN A 64 -19.97 30.20 -9.42
CA ASN A 64 -20.03 29.74 -10.80
C ASN A 64 -20.52 30.84 -11.74
N GLU A 65 -21.11 31.87 -11.17
CA GLU A 65 -21.65 32.96 -11.98
C GLU A 65 -20.55 33.91 -12.42
N LYS A 66 -20.82 34.62 -13.50
CA LYS A 66 -19.89 35.60 -14.03
C LYS A 66 -20.28 36.99 -13.53
N GLU A 67 -21.35 37.05 -12.72
CA GLU A 67 -21.87 38.30 -12.20
C GLU A 67 -22.39 39.17 -13.36
N ALA A 68 -23.02 38.50 -14.35
CA ALA A 68 -23.52 39.18 -15.55
C ALA A 68 -24.45 40.35 -15.25
N GLU A 69 -25.26 40.23 -14.19
CA GLU A 69 -26.20 41.30 -13.84
C GLU A 69 -25.46 42.49 -13.24
N ARG A 70 -24.31 42.21 -12.67
CA ARG A 70 -23.48 43.24 -12.06
C ARG A 70 -22.70 43.99 -13.15
N LYS A 71 -22.53 43.34 -14.27
CA LYS A 71 -21.80 43.92 -15.40
C LYS A 71 -22.74 44.69 -16.31
N GLU A 72 -24.02 44.65 -16.00
CA GLU A 72 -25.03 45.33 -16.77
C GLU A 72 -25.39 46.67 -16.10
N LYS A 73 -25.93 47.66 -16.85
CA LYS A 73 -26.36 48.92 -16.28
C LYS A 73 -27.45 48.71 -15.23
N GLU A 74 -28.12 47.56 -15.31
CA GLU A 74 -29.20 47.20 -14.37
C GLU A 74 -28.68 47.05 -12.94
N ALA A 75 -27.36 47.12 -12.76
CA ALA A 75 -26.77 47.01 -11.43
C ALA A 75 -26.85 48.32 -10.68
N GLU A 76 -27.04 49.42 -11.40
CA GLU A 76 -27.13 50.73 -10.79
C GLU A 76 -28.32 51.53 -11.32
N GLN A 77 -28.59 51.37 -12.62
CA GLN A 77 -29.65 52.06 -13.33
C GLN A 77 -29.36 53.57 -13.37
N GLY A 1 -25.89 -12.51 43.32
CA GLY A 1 -25.79 -13.55 44.35
C GLY A 1 -25.07 -14.77 43.85
N SER A 2 -24.66 -15.65 44.76
CA SER A 2 -23.98 -16.88 44.37
C SER A 2 -24.98 -17.84 43.75
N VAL A 3 -26.10 -18.02 44.43
CA VAL A 3 -27.15 -18.87 43.95
C VAL A 3 -28.02 -18.10 42.96
N GLU A 4 -28.38 -16.89 43.33
CA GLU A 4 -29.20 -16.04 42.48
C GLU A 4 -28.30 -15.23 41.51
N LYS A 5 -28.00 -15.79 40.32
CA LYS A 5 -27.21 -15.06 39.34
C LYS A 5 -27.97 -14.94 38.02
N LEU A 6 -29.28 -15.20 38.09
CA LEU A 6 -30.20 -15.05 36.95
C LEU A 6 -29.75 -15.87 35.73
N THR A 7 -29.06 -16.99 35.99
CA THR A 7 -28.57 -17.87 34.92
C THR A 7 -27.54 -17.14 34.02
N ALA A 8 -26.95 -16.06 34.54
CA ALA A 8 -25.96 -15.29 33.77
C ALA A 8 -24.61 -15.99 33.78
N ASP A 9 -24.58 -17.19 34.36
CA ASP A 9 -23.35 -17.98 34.44
C ASP A 9 -22.96 -18.48 33.06
N ALA A 10 -23.97 -18.68 32.20
CA ALA A 10 -23.72 -19.17 30.83
C ALA A 10 -23.04 -18.09 30.01
N GLU A 11 -23.19 -16.84 30.44
CA GLU A 11 -22.55 -15.71 29.76
C GLU A 11 -21.08 -15.65 30.14
N LEU A 12 -20.81 -15.75 31.44
CA LEU A 12 -19.45 -15.74 31.95
C LEU A 12 -18.66 -16.89 31.32
N GLN A 13 -19.30 -18.06 31.25
CA GLN A 13 -18.67 -19.23 30.66
C GLN A 13 -18.46 -19.00 29.16
N ARG A 14 -19.43 -18.35 28.53
CA ARG A 14 -19.36 -18.06 27.10
C ARG A 14 -18.19 -17.14 26.78
N LEU A 15 -18.11 -16.03 27.47
CA LEU A 15 -17.04 -15.04 27.22
C LEU A 15 -15.67 -15.59 27.56
N LYS A 16 -15.62 -16.54 28.48
CA LYS A 16 -14.35 -17.15 28.87
C LYS A 16 -13.93 -18.20 27.86
N ASN A 17 -14.91 -18.89 27.27
CA ASN A 17 -14.65 -19.94 26.29
C ASN A 17 -14.47 -19.36 24.87
N GLU A 18 -15.22 -18.30 24.57
CA GLU A 18 -15.12 -17.65 23.27
C GLU A 18 -13.85 -16.80 23.24
N ARG A 19 -13.85 -15.75 24.07
CA ARG A 19 -12.67 -14.91 24.31
C ARG A 19 -12.18 -14.13 23.07
N HIS A 20 -11.66 -14.84 22.09
CA HIS A 20 -11.08 -14.21 20.91
C HIS A 20 -11.45 -14.96 19.63
N GLU A 21 -12.27 -15.97 19.76
CA GLU A 21 -12.65 -16.81 18.62
C GLU A 21 -13.48 -16.05 17.61
N GLU A 22 -14.49 -15.35 18.08
CA GLU A 22 -15.38 -14.61 17.20
C GLU A 22 -14.69 -13.39 16.59
N ALA A 23 -13.78 -12.78 17.33
CA ALA A 23 -13.07 -11.61 16.84
C ALA A 23 -12.00 -12.01 15.83
N GLU A 24 -11.52 -13.25 15.96
CA GLU A 24 -10.50 -13.76 15.05
C GLU A 24 -11.10 -14.03 13.68
N LEU A 25 -12.20 -14.77 13.65
CA LEU A 25 -12.87 -15.09 12.38
C LEU A 25 -13.41 -13.82 11.74
N GLU A 26 -13.80 -12.85 12.57
CA GLU A 26 -14.31 -11.58 12.06
C GLU A 26 -13.18 -10.76 11.46
N ARG A 27 -11.98 -10.96 11.99
CA ARG A 27 -10.81 -10.26 11.46
C ARG A 27 -10.48 -10.80 10.09
N LEU A 28 -10.55 -12.12 9.95
CA LEU A 28 -10.28 -12.79 8.67
C LEU A 28 -11.36 -12.41 7.66
N LYS A 29 -12.52 -12.00 8.16
CA LYS A 29 -13.61 -11.59 7.32
C LYS A 29 -13.46 -10.12 6.92
N SER A 30 -12.86 -9.33 7.81
CA SER A 30 -12.68 -7.91 7.57
C SER A 30 -11.51 -7.65 6.61
N GLU A 31 -10.45 -8.45 6.73
CA GLU A 31 -9.31 -8.33 5.84
C GLU A 31 -8.76 -9.74 5.54
N ARG A 32 -8.24 -9.95 4.32
CA ARG A 32 -7.80 -11.28 3.93
C ARG A 32 -6.97 -11.22 2.67
N HIS A 33 -7.32 -10.28 1.79
CA HIS A 33 -6.62 -10.14 0.53
C HIS A 33 -6.08 -8.73 0.36
N ASP A 34 -5.54 -8.44 -0.84
CA ASP A 34 -4.92 -7.15 -1.13
C ASP A 34 -5.93 -6.01 -1.05
N HIS A 35 -7.19 -6.32 -1.30
CA HIS A 35 -8.28 -5.32 -1.32
C HIS A 35 -8.26 -4.42 -0.08
N ASP A 36 -7.93 -4.99 1.08
CA ASP A 36 -7.92 -4.22 2.33
C ASP A 36 -6.84 -3.16 2.34
N LYS A 37 -5.62 -3.59 2.14
CA LYS A 37 -4.47 -2.71 2.28
C LYS A 37 -4.17 -1.94 0.99
N LYS A 38 -4.69 -2.42 -0.12
CA LYS A 38 -4.51 -1.73 -1.40
C LYS A 38 -5.18 -0.35 -1.34
N GLU A 39 -6.34 -0.30 -0.68
CA GLU A 39 -7.06 0.94 -0.53
C GLU A 39 -6.40 1.84 0.49
N ALA A 40 -5.75 1.23 1.49
CA ALA A 40 -5.04 1.98 2.52
C ALA A 40 -3.75 2.54 1.94
N GLU A 41 -3.21 1.85 0.95
CA GLU A 41 -2.00 2.29 0.26
C GLU A 41 -2.34 3.53 -0.56
N ARG A 42 -3.49 3.47 -1.24
CA ARG A 42 -3.98 4.61 -2.01
C ARG A 42 -4.24 5.80 -1.08
N LYS A 43 -4.87 5.51 0.05
CA LYS A 43 -5.17 6.56 1.03
C LYS A 43 -3.89 7.26 1.50
N ALA A 44 -2.81 6.49 1.63
CA ALA A 44 -1.54 7.04 2.07
C ALA A 44 -0.95 7.96 0.99
N LEU A 45 -1.43 7.80 -0.23
CA LEU A 45 -0.97 8.62 -1.33
C LEU A 45 -1.83 9.88 -1.47
N GLU A 46 -3.14 9.74 -1.22
CA GLU A 46 -4.07 10.87 -1.37
C GLU A 46 -4.05 11.79 -0.15
N ASP A 47 -3.87 11.22 1.05
CA ASP A 47 -3.80 12.04 2.26
C ASP A 47 -2.50 12.82 2.29
N LYS A 48 -1.45 12.22 1.72
CA LYS A 48 -0.17 12.90 1.64
C LYS A 48 -0.22 13.97 0.55
N LEU A 49 -1.08 13.72 -0.44
CA LEU A 49 -1.30 14.66 -1.52
C LEU A 49 -2.00 15.90 -0.99
N ALA A 50 -2.88 15.69 -0.01
CA ALA A 50 -3.59 16.78 0.63
C ALA A 50 -2.65 17.55 1.53
N ASP A 51 -1.60 16.86 2.01
CA ASP A 51 -0.57 17.48 2.83
C ASP A 51 0.22 18.48 1.99
N LYS A 52 0.64 18.02 0.79
CA LYS A 52 1.34 18.88 -0.19
C LYS A 52 2.70 19.39 0.33
N GLN A 53 3.12 18.86 1.48
CA GLN A 53 4.39 19.24 2.13
C GLN A 53 4.50 20.78 2.26
N GLU A 54 3.83 21.38 3.26
CA GLU A 54 3.92 22.82 3.49
C GLU A 54 5.37 23.20 3.79
N HIS A 55 6.06 23.70 2.78
CA HIS A 55 7.45 24.06 2.91
C HIS A 55 7.62 25.56 3.06
N LEU A 56 6.53 26.29 2.95
CA LEU A 56 6.58 27.74 3.07
C LEU A 56 6.19 28.19 4.48
N ASN A 57 6.24 27.27 5.41
CA ASN A 57 5.93 27.59 6.80
C ASN A 57 6.98 28.54 7.36
N GLY A 58 6.53 29.66 7.87
CA GLY A 58 7.47 30.64 8.40
C GLY A 58 7.12 31.09 9.80
N ALA A 59 5.83 31.22 10.09
CA ALA A 59 5.39 31.66 11.40
C ALA A 59 5.44 30.49 12.39
N LEU A 60 5.04 30.73 13.65
CA LEU A 60 5.03 29.68 14.64
C LEU A 60 3.80 28.82 14.48
N ARG A 61 2.62 29.47 14.60
CA ARG A 61 1.33 28.79 14.40
C ARG A 61 1.26 27.45 15.17
N TYR A 62 1.18 27.51 16.51
CA TYR A 62 1.13 26.29 17.32
C TYR A 62 -0.13 25.49 17.02
N ILE A 63 -1.24 26.17 16.78
CA ILE A 63 -2.48 25.49 16.48
C ILE A 63 -3.29 26.20 15.38
N ASN A 64 -3.29 27.53 15.39
CA ASN A 64 -4.05 28.28 14.38
C ASN A 64 -3.42 29.63 14.05
N GLU A 65 -3.30 30.48 15.05
CA GLU A 65 -2.79 31.82 14.85
C GLU A 65 -1.38 31.97 15.41
N LYS A 66 -1.03 33.19 15.81
CA LYS A 66 0.29 33.46 16.36
C LYS A 66 0.45 32.85 17.74
N GLU A 67 -0.69 32.70 18.45
CA GLU A 67 -0.75 32.07 19.78
C GLU A 67 0.13 32.79 20.81
N ALA A 68 0.48 34.03 20.54
CA ALA A 68 1.36 34.80 21.43
C ALA A 68 0.63 35.19 22.72
N GLU A 69 -0.69 35.26 22.63
CA GLU A 69 -1.51 35.63 23.77
C GLU A 69 -2.15 34.39 24.40
N ARG A 70 -1.85 33.23 23.83
CA ARG A 70 -2.38 31.96 24.33
C ARG A 70 -1.25 31.00 24.68
N LYS A 71 -0.04 31.55 24.80
CA LYS A 71 1.14 30.76 25.12
C LYS A 71 1.72 31.19 26.48
N GLU A 72 1.14 32.24 27.06
CA GLU A 72 1.62 32.82 28.31
C GLU A 72 3.02 33.44 28.08
N LYS A 73 3.66 33.96 29.12
CA LYS A 73 4.98 34.53 28.99
C LYS A 73 6.02 33.42 29.18
N GLU A 74 7.31 33.75 29.05
CA GLU A 74 8.35 32.77 29.28
C GLU A 74 9.06 33.12 30.61
N ALA A 75 9.90 32.20 31.14
CA ALA A 75 10.59 32.43 32.43
C ALA A 75 9.58 32.55 33.56
N GLU A 76 8.43 31.90 33.38
CA GLU A 76 7.36 31.91 34.39
C GLU A 76 7.54 30.80 35.41
N GLN A 77 8.72 30.20 35.41
CA GLN A 77 9.03 29.11 36.31
C GLN A 77 9.86 29.61 37.48
N GLY A 1 34.46 -2.94 12.73
CA GLY A 1 33.36 -3.60 13.47
C GLY A 1 32.37 -4.27 12.54
N SER A 2 32.16 -5.55 12.74
CA SER A 2 31.24 -6.31 11.93
C SER A 2 29.90 -6.44 12.65
N VAL A 3 28.95 -7.10 12.02
CA VAL A 3 27.67 -7.31 12.65
C VAL A 3 27.79 -8.54 13.58
N GLU A 4 27.08 -8.57 14.72
CA GLU A 4 27.21 -9.69 15.63
C GLU A 4 26.23 -10.80 15.27
N LYS A 5 26.30 -11.92 15.99
CA LYS A 5 25.44 -13.06 15.71
C LYS A 5 24.11 -12.85 16.40
N LEU A 6 24.17 -12.31 17.61
CA LEU A 6 22.98 -12.02 18.38
C LEU A 6 22.16 -10.89 17.75
N THR A 7 22.81 -10.14 16.85
CA THR A 7 22.14 -9.06 16.14
C THR A 7 21.14 -9.63 15.14
N ALA A 8 21.51 -10.74 14.51
CA ALA A 8 20.63 -11.38 13.54
C ALA A 8 19.57 -12.21 14.27
N ASP A 9 19.94 -12.70 15.46
CA ASP A 9 19.01 -13.48 16.28
C ASP A 9 17.89 -12.58 16.80
N ALA A 10 18.18 -11.29 16.90
CA ALA A 10 17.19 -10.33 17.35
C ALA A 10 16.05 -10.22 16.35
N GLU A 11 16.35 -10.38 15.06
CA GLU A 11 15.30 -10.32 14.05
C GLU A 11 14.62 -11.67 13.96
N LEU A 12 15.39 -12.73 14.13
CA LEU A 12 14.86 -14.08 14.13
C LEU A 12 13.83 -14.24 15.25
N GLN A 13 14.20 -13.76 16.43
CA GLN A 13 13.30 -13.79 17.58
C GLN A 13 12.10 -12.88 17.34
N ARG A 14 12.38 -11.73 16.72
CA ARG A 14 11.34 -10.74 16.41
C ARG A 14 10.25 -11.38 15.55
N LEU A 15 10.66 -12.12 14.53
CA LEU A 15 9.73 -12.78 13.62
C LEU A 15 9.08 -13.99 14.28
N LYS A 16 9.80 -14.63 15.20
CA LYS A 16 9.28 -15.81 15.89
C LYS A 16 8.24 -15.39 16.92
N ASN A 17 8.48 -14.25 17.56
CA ASN A 17 7.56 -13.72 18.56
C ASN A 17 6.34 -13.10 17.88
N GLU A 18 6.48 -12.84 16.58
CA GLU A 18 5.40 -12.26 15.81
C GLU A 18 4.50 -13.39 15.28
N ARG A 19 5.15 -14.44 14.77
CA ARG A 19 4.48 -15.62 14.21
C ARG A 19 3.70 -15.26 12.93
N HIS A 20 4.26 -15.68 11.80
CA HIS A 20 3.66 -15.39 10.49
C HIS A 20 2.33 -16.14 10.34
N GLU A 21 2.24 -17.29 10.99
CA GLU A 21 1.01 -18.09 10.93
C GLU A 21 -0.16 -17.30 11.52
N GLU A 22 0.08 -16.66 12.65
CA GLU A 22 -0.95 -15.90 13.33
C GLU A 22 -1.40 -14.70 12.49
N ALA A 23 -0.50 -14.20 11.65
CA ALA A 23 -0.82 -13.09 10.77
C ALA A 23 -1.73 -13.55 9.63
N GLU A 24 -1.61 -14.83 9.28
CA GLU A 24 -2.41 -15.42 8.21
C GLU A 24 -3.80 -15.75 8.71
N LEU A 25 -3.85 -16.44 9.86
CA LEU A 25 -5.12 -16.81 10.46
C LEU A 25 -5.91 -15.56 10.85
N GLU A 26 -5.20 -14.51 11.27
CA GLU A 26 -5.84 -13.24 11.61
C GLU A 26 -6.43 -12.63 10.36
N ARG A 27 -5.63 -12.64 9.30
CA ARG A 27 -6.01 -12.10 8.01
C ARG A 27 -7.27 -12.77 7.48
N LEU A 28 -7.29 -14.08 7.52
CA LEU A 28 -8.41 -14.86 7.00
C LEU A 28 -9.64 -14.78 7.91
N LYS A 29 -9.42 -14.62 9.21
CA LYS A 29 -10.53 -14.61 10.17
C LYS A 29 -11.20 -13.24 10.21
N SER A 30 -10.44 -12.19 9.93
CA SER A 30 -10.96 -10.84 9.98
C SER A 30 -11.54 -10.40 8.63
N GLU A 31 -11.34 -11.24 7.60
CA GLU A 31 -11.76 -10.92 6.22
C GLU A 31 -10.90 -9.83 5.64
N ARG A 32 -9.63 -9.80 6.08
CA ARG A 32 -8.65 -8.85 5.61
C ARG A 32 -8.20 -9.23 4.18
N HIS A 33 -8.98 -8.87 3.15
CA HIS A 33 -8.60 -9.21 1.79
C HIS A 33 -7.54 -8.21 1.28
N ASP A 34 -7.10 -8.38 0.02
CA ASP A 34 -6.04 -7.54 -0.52
C ASP A 34 -6.53 -6.12 -0.73
N HIS A 35 -7.82 -5.98 -1.08
CA HIS A 35 -8.41 -4.67 -1.35
C HIS A 35 -8.23 -3.70 -0.20
N ASP A 36 -8.33 -4.21 1.02
CA ASP A 36 -8.17 -3.35 2.20
C ASP A 36 -6.73 -2.84 2.30
N LYS A 37 -5.78 -3.72 1.99
CA LYS A 37 -4.38 -3.36 2.03
C LYS A 37 -4.04 -2.40 0.90
N LYS A 38 -4.68 -2.61 -0.26
CA LYS A 38 -4.49 -1.73 -1.40
C LYS A 38 -4.99 -0.34 -1.06
N GLU A 39 -6.18 -0.27 -0.47
CA GLU A 39 -6.75 1.00 -0.06
C GLU A 39 -5.94 1.66 1.03
N ALA A 40 -5.30 0.85 1.88
CA ALA A 40 -4.47 1.41 2.95
C ALA A 40 -3.29 2.16 2.37
N GLU A 41 -2.88 1.78 1.16
CA GLU A 41 -1.77 2.44 0.49
C GLU A 41 -2.29 3.61 -0.33
N ARG A 42 -3.31 3.35 -1.14
CA ARG A 42 -3.88 4.37 -2.02
C ARG A 42 -4.49 5.53 -1.23
N LYS A 43 -5.03 5.22 -0.05
CA LYS A 43 -5.59 6.28 0.81
C LYS A 43 -4.48 7.18 1.33
N ALA A 44 -3.30 6.60 1.56
CA ALA A 44 -2.17 7.35 2.05
C ALA A 44 -1.57 8.18 0.93
N LEU A 45 -1.76 7.73 -0.30
CA LEU A 45 -1.25 8.44 -1.46
C LEU A 45 -2.03 9.73 -1.66
N GLU A 46 -3.30 9.74 -1.25
CA GLU A 46 -4.11 10.93 -1.38
C GLU A 46 -3.83 11.89 -0.22
N ASP A 47 -3.59 11.33 0.97
CA ASP A 47 -3.29 12.15 2.14
C ASP A 47 -1.93 12.79 1.99
N LYS A 48 -1.04 12.09 1.29
CA LYS A 48 0.32 12.57 1.03
C LYS A 48 0.29 13.86 0.20
N LEU A 49 -0.67 13.93 -0.72
CA LEU A 49 -0.82 15.11 -1.57
C LEU A 49 -1.74 16.14 -0.92
N ALA A 50 -2.76 15.67 -0.21
CA ALA A 50 -3.71 16.56 0.45
C ALA A 50 -3.06 17.33 1.60
N ASP A 51 -2.18 16.66 2.33
CA ASP A 51 -1.48 17.31 3.44
C ASP A 51 -0.18 17.94 2.94
N LYS A 52 0.23 17.52 1.74
CA LYS A 52 1.50 17.97 1.16
C LYS A 52 2.66 17.55 2.07
N GLN A 53 2.49 16.37 2.71
CA GLN A 53 3.46 15.82 3.64
C GLN A 53 4.66 15.23 2.90
N GLU A 54 4.84 15.64 1.65
CA GLU A 54 5.93 15.16 0.84
C GLU A 54 7.22 15.87 1.19
N HIS A 55 7.67 15.69 2.43
CA HIS A 55 8.88 16.36 2.91
C HIS A 55 10.13 15.69 2.35
N LEU A 56 9.93 14.56 1.70
CA LEU A 56 11.02 13.83 1.06
C LEU A 56 11.33 14.42 -0.32
N ASN A 57 10.80 15.62 -0.58
CA ASN A 57 11.02 16.31 -1.85
C ASN A 57 12.46 16.84 -1.91
N GLY A 58 13.14 16.77 -0.78
CA GLY A 58 14.52 17.22 -0.71
C GLY A 58 15.35 16.23 0.11
N ALA A 59 16.65 16.56 0.39
CA ALA A 59 17.55 15.69 1.21
C ALA A 59 18.02 14.46 0.43
N LEU A 60 17.17 13.91 -0.41
CA LEU A 60 17.53 12.77 -1.23
C LEU A 60 18.43 13.22 -2.36
N ARG A 61 18.00 14.27 -3.07
CA ARG A 61 18.78 14.89 -4.15
C ARG A 61 19.00 13.91 -5.31
N TYR A 62 18.18 12.87 -5.36
CA TYR A 62 18.27 11.84 -6.40
C TYR A 62 19.65 11.16 -6.42
N ILE A 63 20.15 10.80 -5.23
CA ILE A 63 21.44 10.12 -5.14
C ILE A 63 21.31 8.62 -5.42
N ASN A 64 20.06 8.18 -5.63
CA ASN A 64 19.73 6.80 -6.04
C ASN A 64 19.84 5.76 -4.91
N GLU A 65 20.86 5.88 -4.08
CA GLU A 65 21.10 4.89 -3.03
C GLU A 65 20.06 4.95 -1.91
N LYS A 66 19.79 6.15 -1.40
CA LYS A 66 18.89 6.29 -0.25
C LYS A 66 17.44 6.13 -0.65
N GLU A 67 17.13 6.40 -1.90
CA GLU A 67 15.78 6.24 -2.40
C GLU A 67 15.55 4.79 -2.81
N ALA A 68 16.64 4.00 -2.82
CA ALA A 68 16.60 2.58 -3.24
C ALA A 68 16.16 2.47 -4.69
N GLU A 69 16.42 3.53 -5.45
CA GLU A 69 16.01 3.60 -6.85
C GLU A 69 16.98 2.89 -7.76
N ARG A 70 17.92 2.15 -7.20
CA ARG A 70 18.85 1.40 -8.01
C ARG A 70 18.12 0.25 -8.70
N LYS A 71 17.20 -0.40 -7.95
CA LYS A 71 16.38 -1.51 -8.48
C LYS A 71 17.27 -2.59 -9.10
N GLU A 72 18.41 -2.85 -8.48
CA GLU A 72 19.36 -3.79 -9.01
C GLU A 72 18.96 -5.25 -8.70
N LYS A 73 19.10 -5.69 -7.44
CA LYS A 73 18.79 -7.08 -7.06
C LYS A 73 18.59 -7.16 -5.55
N GLU A 74 17.93 -6.13 -4.98
CA GLU A 74 17.67 -6.07 -3.54
C GLU A 74 17.12 -7.40 -3.00
N ALA A 75 15.96 -7.83 -3.55
CA ALA A 75 15.33 -9.14 -3.19
C ALA A 75 15.25 -9.40 -1.67
N GLU A 76 15.15 -8.34 -0.88
CA GLU A 76 15.11 -8.50 0.57
C GLU A 76 13.73 -8.98 1.02
N GLN A 77 12.72 -8.65 0.24
CA GLN A 77 11.36 -9.07 0.56
C GLN A 77 10.93 -10.22 -0.36
N GLY A 1 -45.93 -45.02 -15.42
CA GLY A 1 -46.68 -44.92 -14.16
C GLY A 1 -46.81 -43.49 -13.69
N SER A 2 -47.82 -43.23 -12.88
CA SER A 2 -48.04 -41.91 -12.35
C SER A 2 -47.34 -41.75 -11.00
N VAL A 3 -46.15 -41.19 -11.02
CA VAL A 3 -45.38 -40.99 -9.81
C VAL A 3 -45.38 -39.49 -9.44
N GLU A 4 -44.86 -39.13 -8.25
CA GLU A 4 -44.87 -37.74 -7.84
C GLU A 4 -43.53 -37.08 -8.20
N LYS A 5 -43.39 -35.78 -7.91
CA LYS A 5 -42.19 -35.04 -8.25
C LYS A 5 -42.11 -33.76 -7.42
N LEU A 6 -41.26 -32.80 -7.87
CA LEU A 6 -41.09 -31.52 -7.18
C LEU A 6 -40.43 -31.71 -5.80
N THR A 7 -39.83 -32.87 -5.60
CA THR A 7 -39.17 -33.18 -4.36
C THR A 7 -37.64 -33.11 -4.58
N ALA A 8 -36.85 -33.54 -3.58
CA ALA A 8 -35.36 -33.51 -3.68
C ALA A 8 -34.84 -32.08 -3.84
N ASP A 9 -35.70 -31.10 -3.62
CA ASP A 9 -35.34 -29.70 -3.74
C ASP A 9 -34.29 -29.32 -2.71
N ALA A 10 -34.40 -29.91 -1.53
CA ALA A 10 -33.45 -29.64 -0.46
C ALA A 10 -32.08 -30.23 -0.78
N GLU A 11 -32.06 -31.28 -1.60
CA GLU A 11 -30.80 -31.90 -1.99
C GLU A 11 -30.12 -31.08 -3.07
N LEU A 12 -30.91 -30.69 -4.06
CA LEU A 12 -30.40 -29.87 -5.17
C LEU A 12 -29.87 -28.54 -4.65
N GLN A 13 -30.62 -27.92 -3.76
CA GLN A 13 -30.22 -26.63 -3.20
C GLN A 13 -29.01 -26.77 -2.29
N ARG A 14 -28.90 -27.89 -1.61
CA ARG A 14 -27.76 -28.14 -0.74
C ARG A 14 -26.50 -28.30 -1.56
N LEU A 15 -26.55 -29.19 -2.54
CA LEU A 15 -25.39 -29.47 -3.39
C LEU A 15 -24.96 -28.25 -4.20
N LYS A 16 -25.91 -27.39 -4.52
CA LYS A 16 -25.61 -26.20 -5.32
C LYS A 16 -24.96 -25.10 -4.48
N ASN A 17 -25.35 -25.00 -3.22
CA ASN A 17 -24.79 -23.95 -2.35
C ASN A 17 -23.53 -24.45 -1.64
N GLU A 18 -23.47 -25.76 -1.40
CA GLU A 18 -22.32 -26.35 -0.73
C GLU A 18 -21.10 -26.29 -1.65
N ARG A 19 -21.30 -26.72 -2.90
CA ARG A 19 -20.26 -26.67 -3.93
C ARG A 19 -19.04 -27.52 -3.54
N HIS A 20 -17.93 -27.29 -4.21
CA HIS A 20 -16.71 -28.02 -3.93
C HIS A 20 -15.65 -27.08 -3.34
N GLU A 21 -14.43 -27.59 -3.14
CA GLU A 21 -13.35 -26.80 -2.55
C GLU A 21 -12.89 -25.72 -3.52
N GLU A 22 -13.10 -25.99 -4.80
CA GLU A 22 -12.66 -25.10 -5.87
C GLU A 22 -13.32 -23.72 -5.78
N ALA A 23 -14.54 -23.68 -5.26
CA ALA A 23 -15.27 -22.43 -5.15
C ALA A 23 -14.66 -21.54 -4.07
N GLU A 24 -14.02 -22.17 -3.10
CA GLU A 24 -13.38 -21.44 -2.03
C GLU A 24 -11.96 -21.06 -2.40
N LEU A 25 -11.19 -22.06 -2.82
CA LEU A 25 -9.78 -21.88 -3.13
C LEU A 25 -9.55 -20.90 -4.28
N GLU A 26 -10.47 -20.87 -5.25
CA GLU A 26 -10.28 -19.98 -6.40
C GLU A 26 -10.49 -18.52 -6.01
N ARG A 27 -11.44 -18.28 -5.11
CA ARG A 27 -11.71 -16.93 -4.64
C ARG A 27 -10.55 -16.42 -3.81
N LEU A 28 -10.03 -17.28 -2.95
CA LEU A 28 -8.91 -16.92 -2.08
C LEU A 28 -7.64 -16.75 -2.92
N LYS A 29 -7.57 -17.42 -4.06
CA LYS A 29 -6.40 -17.35 -4.93
C LYS A 29 -6.32 -16.02 -5.68
N SER A 30 -7.45 -15.32 -5.77
CA SER A 30 -7.48 -14.05 -6.46
C SER A 30 -6.89 -12.92 -5.61
N GLU A 31 -6.64 -13.24 -4.33
CA GLU A 31 -6.07 -12.26 -3.38
C GLU A 31 -6.99 -11.04 -3.20
N ARG A 32 -8.25 -11.29 -2.81
CA ARG A 32 -9.22 -10.20 -2.58
C ARG A 32 -8.71 -9.25 -1.49
N HIS A 33 -7.82 -9.75 -0.64
CA HIS A 33 -7.23 -8.93 0.44
C HIS A 33 -6.49 -7.71 -0.15
N ASP A 34 -6.11 -7.80 -1.42
CA ASP A 34 -5.43 -6.71 -2.10
C ASP A 34 -6.30 -5.45 -2.10
N HIS A 35 -7.62 -5.65 -2.12
CA HIS A 35 -8.57 -4.53 -2.12
C HIS A 35 -8.52 -3.81 -0.77
N ASP A 36 -8.24 -4.58 0.27
CA ASP A 36 -8.12 -4.01 1.62
C ASP A 36 -6.78 -3.32 1.77
N LYS A 37 -5.73 -3.99 1.30
CA LYS A 37 -4.39 -3.44 1.32
C LYS A 37 -4.34 -2.12 0.56
N LYS A 38 -4.94 -2.12 -0.63
CA LYS A 38 -4.96 -0.94 -1.47
C LYS A 38 -5.75 0.19 -0.80
N GLU A 39 -6.76 -0.18 0.00
CA GLU A 39 -7.60 0.79 0.69
C GLU A 39 -6.78 1.64 1.67
N ALA A 40 -5.83 1.02 2.36
CA ALA A 40 -5.02 1.73 3.35
C ALA A 40 -3.79 2.34 2.71
N GLU A 41 -3.27 1.69 1.67
CA GLU A 41 -2.05 2.15 1.00
C GLU A 41 -2.34 3.36 0.13
N ARG A 42 -3.49 3.34 -0.53
CA ARG A 42 -3.91 4.45 -1.39
C ARG A 42 -4.00 5.74 -0.59
N LYS A 43 -4.54 5.63 0.61
CA LYS A 43 -4.70 6.79 1.49
C LYS A 43 -3.36 7.35 1.92
N ALA A 44 -2.34 6.50 2.03
CA ALA A 44 -1.03 6.96 2.44
C ALA A 44 -0.40 7.85 1.37
N LEU A 45 -0.72 7.57 0.11
CA LEU A 45 -0.20 8.36 -1.00
C LEU A 45 -1.13 9.54 -1.31
N GLU A 46 -2.43 9.34 -1.09
CA GLU A 46 -3.42 10.36 -1.38
C GLU A 46 -3.35 11.48 -0.33
N ASP A 47 -3.05 11.11 0.91
CA ASP A 47 -2.93 12.11 1.98
C ASP A 47 -1.72 12.99 1.76
N LYS A 48 -0.72 12.46 1.09
CA LYS A 48 0.47 13.25 0.77
C LYS A 48 0.14 14.28 -0.29
N LEU A 49 -0.95 14.05 -1.00
CA LEU A 49 -1.39 14.96 -2.04
C LEU A 49 -2.31 16.03 -1.48
N ALA A 50 -3.27 15.61 -0.65
CA ALA A 50 -4.24 16.56 -0.09
C ALA A 50 -3.67 17.32 1.13
N ASP A 51 -2.96 16.62 2.00
CA ASP A 51 -2.39 17.28 3.18
C ASP A 51 -1.00 17.81 2.88
N LYS A 52 -0.44 17.32 1.75
CA LYS A 52 0.91 17.69 1.31
C LYS A 52 1.97 17.15 2.28
N GLN A 53 3.22 17.57 2.12
CA GLN A 53 4.30 17.04 2.95
C GLN A 53 5.10 18.17 3.61
N GLU A 54 4.38 19.22 4.04
CA GLU A 54 4.98 20.37 4.74
C GLU A 54 5.74 21.29 3.78
N HIS A 55 5.66 22.58 4.03
CA HIS A 55 6.33 23.56 3.18
C HIS A 55 6.88 24.71 4.01
N LEU A 56 6.13 25.14 5.02
CA LEU A 56 6.57 26.23 5.89
C LEU A 56 7.79 25.82 6.70
N ASN A 57 7.65 24.77 7.47
CA ASN A 57 8.74 24.26 8.28
C ASN A 57 9.66 23.40 7.45
N GLY A 58 10.93 23.39 7.79
CA GLY A 58 11.87 22.54 7.10
C GLY A 58 11.95 21.18 7.76
N ALA A 59 11.71 21.17 9.07
CA ALA A 59 11.71 19.93 9.88
C ALA A 59 13.04 19.18 9.75
N LEU A 60 13.04 17.92 10.16
CA LEU A 60 14.23 17.09 10.10
C LEU A 60 13.93 15.86 9.24
N ARG A 61 13.09 16.06 8.24
CA ARG A 61 12.65 14.98 7.36
C ARG A 61 13.84 14.39 6.59
N TYR A 62 14.58 15.24 5.92
CA TYR A 62 15.74 14.78 5.14
C TYR A 62 16.85 14.30 6.06
N ILE A 63 16.87 14.84 7.26
CA ILE A 63 17.87 14.48 8.26
C ILE A 63 17.53 13.11 8.85
N ASN A 64 16.22 12.83 8.89
CA ASN A 64 15.67 11.55 9.40
C ASN A 64 15.76 11.46 10.92
N GLU A 65 16.91 11.79 11.48
CA GLU A 65 17.09 11.74 12.91
C GLU A 65 17.25 13.13 13.50
N LYS A 66 16.25 13.56 14.24
CA LYS A 66 16.28 14.86 14.91
C LYS A 66 17.13 14.78 16.17
N GLU A 67 17.38 13.55 16.61
CA GLU A 67 18.14 13.30 17.83
C GLU A 67 19.62 13.62 17.63
N ALA A 68 20.07 13.54 16.37
CA ALA A 68 21.48 13.85 16.01
C ALA A 68 22.48 12.91 16.70
N GLU A 69 22.00 11.74 17.14
CA GLU A 69 22.87 10.77 17.79
C GLU A 69 23.86 10.21 16.78
N ARG A 70 23.36 9.94 15.59
CA ARG A 70 24.19 9.44 14.52
C ARG A 70 25.07 10.56 13.98
N LYS A 71 24.62 11.80 14.16
CA LYS A 71 25.35 13.00 13.70
C LYS A 71 25.49 12.99 12.17
N GLU A 72 24.73 12.09 11.52
CA GLU A 72 24.73 11.94 10.05
C GLU A 72 26.11 11.52 9.54
N LYS A 73 26.94 10.99 10.43
CA LYS A 73 28.30 10.65 10.07
C LYS A 73 28.39 9.18 9.61
N GLU A 74 29.57 8.78 9.11
CA GLU A 74 29.82 7.42 8.68
C GLU A 74 31.08 6.92 9.38
N ALA A 75 32.03 7.84 9.51
CA ALA A 75 33.26 7.57 10.25
C ALA A 75 33.09 8.10 11.67
N GLU A 76 34.19 8.37 12.35
CA GLU A 76 34.11 8.87 13.72
C GLU A 76 34.06 10.40 13.77
N GLN A 77 34.66 11.04 12.75
CA GLN A 77 34.72 12.51 12.65
C GLN A 77 35.44 13.14 13.83
N GLY A 1 20.29 -31.89 28.50
CA GLY A 1 21.08 -32.72 29.44
C GLY A 1 20.35 -32.95 30.75
N SER A 2 21.09 -32.94 31.85
CA SER A 2 20.54 -33.22 33.16
C SER A 2 20.30 -31.96 33.99
N VAL A 3 20.09 -30.82 33.33
CA VAL A 3 19.82 -29.57 34.04
C VAL A 3 18.37 -29.50 34.49
N GLU A 4 17.60 -30.49 34.08
CA GLU A 4 16.19 -30.60 34.43
C GLU A 4 15.69 -32.01 34.04
N LYS A 5 14.45 -32.36 34.37
CA LYS A 5 13.93 -33.68 34.06
C LYS A 5 13.30 -33.71 32.66
N LEU A 6 13.04 -32.55 32.12
CA LEU A 6 12.46 -32.43 30.79
C LEU A 6 12.80 -31.06 30.18
N THR A 7 12.45 -30.84 28.91
CA THR A 7 12.68 -29.55 28.28
C THR A 7 11.37 -28.78 28.18
N ALA A 8 10.25 -29.53 28.21
CA ALA A 8 8.89 -28.96 28.09
C ALA A 8 8.65 -28.43 26.68
N ASP A 9 9.62 -28.64 25.81
CA ASP A 9 9.56 -28.16 24.44
C ASP A 9 9.39 -29.33 23.48
N ALA A 10 9.79 -30.52 23.91
CA ALA A 10 9.71 -31.72 23.07
C ALA A 10 8.26 -32.03 22.70
N GLU A 11 7.33 -31.66 23.56
CA GLU A 11 5.92 -31.89 23.31
C GLU A 11 5.39 -30.85 22.34
N LEU A 12 6.06 -29.71 22.28
CA LEU A 12 5.67 -28.62 21.41
C LEU A 12 6.27 -28.81 20.02
N GLN A 13 7.31 -29.64 19.95
CA GLN A 13 8.01 -29.92 18.69
C GLN A 13 7.07 -30.42 17.59
N ARG A 14 5.98 -31.07 17.99
CA ARG A 14 5.00 -31.57 17.00
C ARG A 14 4.39 -30.42 16.21
N LEU A 15 4.09 -29.33 16.91
CA LEU A 15 3.50 -28.15 16.28
C LEU A 15 4.50 -27.51 15.31
N LYS A 16 5.79 -27.70 15.61
CA LYS A 16 6.86 -27.13 14.81
C LYS A 16 7.14 -28.03 13.61
N ASN A 17 7.34 -29.32 13.88
CA ASN A 17 7.69 -30.30 12.83
C ASN A 17 6.61 -30.38 11.75
N GLU A 18 5.35 -30.25 12.14
CA GLU A 18 4.27 -30.32 11.17
C GLU A 18 4.01 -28.96 10.55
N ARG A 19 4.67 -27.93 11.09
CA ARG A 19 4.53 -26.56 10.63
C ARG A 19 3.07 -26.11 10.66
N HIS A 20 2.32 -26.66 11.61
CA HIS A 20 0.87 -26.35 11.73
C HIS A 20 0.67 -24.87 11.98
N GLU A 21 1.53 -24.27 12.79
CA GLU A 21 1.44 -22.84 13.07
C GLU A 21 1.69 -22.03 11.80
N GLU A 22 2.67 -22.47 11.01
CA GLU A 22 3.01 -21.79 9.78
C GLU A 22 1.87 -21.88 8.77
N ALA A 23 1.18 -23.04 8.75
CA ALA A 23 0.08 -23.23 7.82
C ALA A 23 -1.12 -22.41 8.23
N GLU A 24 -1.20 -22.07 9.50
CA GLU A 24 -2.29 -21.27 10.02
C GLU A 24 -2.07 -19.80 9.65
N LEU A 25 -0.93 -19.26 10.06
CA LEU A 25 -0.61 -17.85 9.82
C LEU A 25 -0.42 -17.55 8.34
N GLU A 26 0.07 -18.52 7.56
CA GLU A 26 0.30 -18.29 6.13
C GLU A 26 -1.00 -17.96 5.41
N ARG A 27 -2.04 -18.73 5.71
CA ARG A 27 -3.34 -18.52 5.10
C ARG A 27 -3.98 -17.22 5.59
N LEU A 28 -3.52 -16.74 6.72
CA LEU A 28 -4.01 -15.48 7.25
C LEU A 28 -3.28 -14.32 6.58
N LYS A 29 -2.09 -14.60 6.08
CA LYS A 29 -1.29 -13.61 5.39
C LYS A 29 -1.68 -13.50 3.92
N SER A 30 -2.19 -14.60 3.36
CA SER A 30 -2.61 -14.60 1.97
C SER A 30 -3.88 -13.77 1.80
N GLU A 31 -4.81 -13.94 2.73
CA GLU A 31 -6.07 -13.21 2.70
C GLU A 31 -5.85 -11.74 3.09
N ARG A 32 -4.64 -11.45 3.56
CA ARG A 32 -4.27 -10.11 3.97
C ARG A 32 -3.99 -9.24 2.74
N HIS A 33 -4.01 -9.88 1.57
CA HIS A 33 -3.80 -9.18 0.29
C HIS A 33 -5.13 -8.67 -0.24
N ASP A 34 -6.09 -8.49 0.66
CA ASP A 34 -7.42 -8.04 0.29
C ASP A 34 -7.38 -6.54 -0.08
N HIS A 35 -8.49 -6.05 -0.60
CA HIS A 35 -8.60 -4.68 -1.05
C HIS A 35 -8.42 -3.70 0.12
N ASP A 36 -8.61 -4.21 1.35
CA ASP A 36 -8.44 -3.43 2.58
C ASP A 36 -7.07 -2.76 2.63
N LYS A 37 -6.04 -3.53 2.31
CA LYS A 37 -4.69 -3.01 2.33
C LYS A 37 -4.47 -2.06 1.16
N LYS A 38 -4.94 -2.47 -0.01
CA LYS A 38 -4.77 -1.69 -1.23
C LYS A 38 -5.36 -0.29 -1.09
N GLU A 39 -6.54 -0.20 -0.48
CA GLU A 39 -7.18 1.09 -0.26
C GLU A 39 -6.34 1.98 0.64
N ALA A 40 -5.65 1.37 1.60
CA ALA A 40 -4.83 2.12 2.54
C ALA A 40 -3.53 2.57 1.88
N GLU A 41 -3.05 1.79 0.91
CA GLU A 41 -1.83 2.13 0.19
C GLU A 41 -2.10 3.31 -0.74
N ARG A 42 -3.19 3.23 -1.47
CA ARG A 42 -3.58 4.30 -2.39
C ARG A 42 -3.90 5.58 -1.61
N LYS A 43 -4.55 5.40 -0.46
CA LYS A 43 -4.91 6.54 0.39
C LYS A 43 -3.67 7.14 1.04
N ALA A 44 -2.64 6.32 1.27
CA ALA A 44 -1.41 6.80 1.88
C ALA A 44 -0.66 7.70 0.91
N LEU A 45 -0.86 7.49 -0.39
CA LEU A 45 -0.23 8.30 -1.40
C LEU A 45 -1.03 9.58 -1.61
N GLU A 46 -2.32 9.50 -1.35
CA GLU A 46 -3.21 10.64 -1.50
C GLU A 46 -3.18 11.50 -0.24
N ASP A 47 -2.82 10.87 0.87
CA ASP A 47 -2.73 11.56 2.16
C ASP A 47 -1.72 12.69 2.09
N LYS A 48 -0.68 12.50 1.28
CA LYS A 48 0.34 13.51 1.10
C LYS A 48 -0.20 14.68 0.30
N LEU A 49 -1.10 14.38 -0.63
CA LEU A 49 -1.72 15.40 -1.46
C LEU A 49 -2.75 16.19 -0.66
N ALA A 50 -3.56 15.46 0.11
CA ALA A 50 -4.60 16.09 0.92
C ALA A 50 -3.98 16.86 2.09
N ASP A 51 -2.78 16.47 2.46
CA ASP A 51 -2.05 17.12 3.56
C ASP A 51 -1.38 18.40 3.07
N LYS A 52 -1.21 18.49 1.75
CA LYS A 52 -0.56 19.66 1.09
C LYS A 52 0.90 19.77 1.54
N GLN A 53 1.49 18.63 1.87
CA GLN A 53 2.88 18.60 2.30
C GLN A 53 3.81 18.64 1.09
N GLU A 54 5.03 18.16 1.26
CA GLU A 54 6.02 18.14 0.18
C GLU A 54 5.65 17.13 -0.91
N HIS A 55 4.72 17.53 -1.77
CA HIS A 55 4.26 16.68 -2.87
C HIS A 55 5.26 16.73 -4.02
N LEU A 56 6.14 17.71 -3.97
CA LEU A 56 7.16 17.91 -5.00
C LEU A 56 8.07 16.69 -5.13
N ASN A 57 8.19 15.93 -4.05
CA ASN A 57 9.04 14.73 -4.04
C ASN A 57 8.53 13.69 -5.03
N GLY A 58 7.23 13.65 -5.22
CA GLY A 58 6.63 12.69 -6.13
C GLY A 58 6.58 13.20 -7.55
N ALA A 59 7.17 14.36 -7.78
CA ALA A 59 7.19 14.95 -9.11
C ALA A 59 8.62 15.20 -9.55
N LEU A 60 9.25 16.24 -8.96
CA LEU A 60 10.64 16.62 -9.29
C LEU A 60 10.80 16.76 -10.81
N ARG A 61 11.93 16.32 -11.32
CA ARG A 61 12.18 16.35 -12.75
C ARG A 61 11.91 14.97 -13.34
N TYR A 62 11.33 14.11 -12.52
CA TYR A 62 11.08 12.73 -12.91
C TYR A 62 9.76 12.60 -13.67
N ILE A 63 9.26 13.71 -14.16
CA ILE A 63 8.02 13.75 -14.93
C ILE A 63 8.31 13.56 -16.41
N ASN A 64 9.49 13.03 -16.71
CA ASN A 64 9.92 12.81 -18.09
C ASN A 64 9.24 11.59 -18.69
N GLU A 65 9.79 11.09 -19.83
CA GLU A 65 9.20 9.95 -20.56
C GLU A 65 7.78 10.29 -20.98
N LYS A 66 7.59 11.54 -21.36
CA LYS A 66 6.28 12.02 -21.74
C LYS A 66 6.02 11.73 -23.23
N GLU A 67 7.04 11.14 -23.87
CA GLU A 67 6.94 10.67 -25.26
C GLU A 67 6.74 11.79 -26.26
N ALA A 68 7.17 13.01 -25.91
CA ALA A 68 7.10 14.18 -26.82
C ALA A 68 5.67 14.45 -27.31
N GLU A 69 4.68 14.07 -26.48
CA GLU A 69 3.25 14.28 -26.80
C GLU A 69 2.79 13.47 -28.01
N ARG A 70 3.43 12.34 -28.28
CA ARG A 70 3.02 11.47 -29.38
C ARG A 70 1.57 11.03 -29.16
N LYS A 71 1.23 10.82 -27.89
CA LYS A 71 -0.11 10.37 -27.50
C LYS A 71 -1.16 11.44 -27.82
N GLU A 72 -0.78 12.70 -27.64
CA GLU A 72 -1.69 13.83 -27.90
C GLU A 72 -2.11 13.86 -29.38
N LYS A 73 -1.22 13.42 -30.26
CA LYS A 73 -1.49 13.45 -31.69
C LYS A 73 -2.02 12.11 -32.17
N GLU A 74 -1.52 11.04 -31.60
CA GLU A 74 -1.94 9.70 -32.02
C GLU A 74 -3.36 9.39 -31.54
N ALA A 75 -3.68 9.83 -30.33
CA ALA A 75 -5.01 9.60 -29.76
C ALA A 75 -5.92 10.80 -30.04
N GLU A 76 -5.52 11.61 -31.01
CA GLU A 76 -6.28 12.82 -31.40
C GLU A 76 -7.67 12.45 -31.93
N GLN A 77 -7.79 11.23 -32.43
CA GLN A 77 -9.04 10.75 -32.96
C GLN A 77 -9.65 9.68 -32.02
N GLY A 1 17.74 -47.29 15.87
CA GLY A 1 19.15 -47.73 15.75
C GLY A 1 19.64 -48.42 17.00
N SER A 2 20.95 -48.49 17.15
CA SER A 2 21.58 -49.12 18.31
C SER A 2 21.20 -48.38 19.60
N VAL A 3 21.81 -47.22 19.80
CA VAL A 3 21.52 -46.41 20.97
C VAL A 3 20.35 -45.47 20.69
N GLU A 4 20.23 -45.04 19.44
CA GLU A 4 19.18 -44.15 19.02
C GLU A 4 17.86 -44.91 18.76
N LYS A 5 17.21 -45.40 19.81
CA LYS A 5 15.94 -46.07 19.67
C LYS A 5 14.81 -45.08 19.94
N LEU A 6 15.08 -44.16 20.84
CA LEU A 6 14.14 -43.12 21.21
C LEU A 6 14.88 -41.80 21.36
N THR A 7 15.99 -41.86 22.10
CA THR A 7 16.87 -40.72 22.34
C THR A 7 16.13 -39.56 23.03
N ALA A 8 15.52 -38.68 22.23
CA ALA A 8 14.82 -37.52 22.78
C ALA A 8 13.78 -37.01 21.79
N ASP A 9 13.37 -37.86 20.86
CA ASP A 9 12.39 -37.47 19.84
C ASP A 9 11.02 -37.25 20.44
N ALA A 10 10.73 -37.97 21.52
CA ALA A 10 9.44 -37.81 22.18
C ALA A 10 9.39 -36.49 22.94
N GLU A 11 10.55 -36.00 23.35
CA GLU A 11 10.65 -34.73 24.07
C GLU A 11 10.39 -33.58 23.12
N LEU A 12 11.07 -33.60 21.97
CA LEU A 12 10.90 -32.56 20.96
C LEU A 12 9.47 -32.53 20.45
N GLN A 13 8.88 -33.72 20.31
CA GLN A 13 7.49 -33.85 19.85
C GLN A 13 6.55 -33.09 20.79
N ARG A 14 6.74 -33.27 22.10
CA ARG A 14 5.89 -32.60 23.10
C ARG A 14 6.10 -31.10 23.05
N LEU A 15 7.35 -30.68 22.95
CA LEU A 15 7.68 -29.26 22.91
C LEU A 15 7.10 -28.59 21.66
N LYS A 16 7.05 -29.32 20.56
CA LYS A 16 6.56 -28.78 19.31
C LYS A 16 5.04 -28.66 19.31
N ASN A 17 4.38 -29.44 20.16
CA ASN A 17 2.91 -29.41 20.25
C ASN A 17 2.43 -28.07 20.75
N GLU A 18 3.29 -27.36 21.47
CA GLU A 18 2.93 -26.08 22.02
C GLU A 18 3.52 -24.94 21.19
N ARG A 19 4.26 -25.32 20.15
CA ARG A 19 4.90 -24.35 19.27
C ARG A 19 4.29 -24.41 17.88
N HIS A 20 3.26 -23.61 17.67
CA HIS A 20 2.54 -23.60 16.40
C HIS A 20 3.06 -22.50 15.47
N GLU A 21 4.35 -22.16 15.62
CA GLU A 21 4.98 -21.12 14.80
C GLU A 21 4.89 -21.44 13.31
N GLU A 22 5.19 -22.68 12.97
CA GLU A 22 5.20 -23.11 11.58
C GLU A 22 3.79 -23.18 11.00
N ALA A 23 2.81 -23.36 11.87
CA ALA A 23 1.41 -23.41 11.44
C ALA A 23 0.88 -22.00 11.18
N GLU A 24 1.43 -21.02 11.91
CA GLU A 24 1.03 -19.63 11.71
C GLU A 24 1.69 -19.07 10.47
N LEU A 25 2.97 -19.36 10.33
CA LEU A 25 3.74 -18.91 9.17
C LEU A 25 3.17 -19.52 7.90
N GLU A 26 2.56 -20.69 8.03
CA GLU A 26 1.95 -21.37 6.89
C GLU A 26 0.66 -20.67 6.51
N ARG A 27 -0.07 -20.20 7.51
CA ARG A 27 -1.34 -19.51 7.29
C ARG A 27 -1.08 -18.17 6.62
N LEU A 28 -0.12 -17.43 7.15
CA LEU A 28 0.25 -16.12 6.60
C LEU A 28 0.88 -16.28 5.22
N LYS A 29 1.44 -17.46 4.98
CA LYS A 29 2.07 -17.77 3.71
C LYS A 29 1.02 -17.87 2.60
N SER A 30 -0.17 -18.38 2.93
CA SER A 30 -1.24 -18.46 1.97
C SER A 30 -2.09 -17.20 2.01
N GLU A 31 -2.24 -16.62 3.19
CA GLU A 31 -3.05 -15.43 3.38
C GLU A 31 -2.18 -14.16 3.30
N ARG A 32 -1.62 -13.88 2.12
CA ARG A 32 -0.82 -12.67 1.91
C ARG A 32 -1.73 -11.43 1.94
N HIS A 33 -3.02 -11.67 1.61
CA HIS A 33 -4.07 -10.64 1.58
C HIS A 33 -4.07 -9.84 0.26
N ASP A 34 -5.07 -8.97 0.09
CA ASP A 34 -5.23 -8.15 -1.10
C ASP A 34 -6.46 -7.29 -0.89
N HIS A 35 -6.54 -6.19 -1.64
CA HIS A 35 -7.66 -5.23 -1.53
C HIS A 35 -7.59 -4.42 -0.22
N ASP A 36 -7.59 -5.11 0.93
CA ASP A 36 -7.54 -4.46 2.24
C ASP A 36 -6.32 -3.54 2.35
N LYS A 37 -5.20 -4.01 1.82
CA LYS A 37 -3.97 -3.26 1.80
C LYS A 37 -4.04 -2.13 0.76
N LYS A 38 -4.52 -2.47 -0.42
CA LYS A 38 -4.57 -1.54 -1.55
C LYS A 38 -5.45 -0.32 -1.27
N GLU A 39 -6.69 -0.56 -0.84
CA GLU A 39 -7.65 0.53 -0.62
C GLU A 39 -7.15 1.49 0.48
N ALA A 40 -6.46 0.95 1.48
CA ALA A 40 -5.98 1.77 2.58
C ALA A 40 -4.64 2.42 2.26
N GLU A 41 -3.86 1.76 1.41
CA GLU A 41 -2.56 2.29 1.02
C GLU A 41 -2.76 3.42 0.02
N ARG A 42 -3.82 3.29 -0.77
CA ARG A 42 -4.20 4.31 -1.74
C ARG A 42 -4.57 5.60 -1.00
N LYS A 43 -5.16 5.42 0.18
CA LYS A 43 -5.53 6.56 1.01
C LYS A 43 -4.29 7.27 1.56
N ALA A 44 -3.26 6.49 1.91
CA ALA A 44 -2.04 7.06 2.46
C ALA A 44 -1.31 7.88 1.42
N LEU A 45 -1.47 7.51 0.17
CA LEU A 45 -0.84 8.22 -0.94
C LEU A 45 -1.66 9.46 -1.28
N GLU A 46 -2.91 9.46 -0.84
CA GLU A 46 -3.81 10.56 -1.11
C GLU A 46 -3.66 11.67 -0.08
N ASP A 47 -3.32 11.29 1.16
CA ASP A 47 -3.12 12.29 2.23
C ASP A 47 -1.90 13.14 1.92
N LYS A 48 -0.98 12.58 1.14
CA LYS A 48 0.24 13.27 0.77
C LYS A 48 -0.06 14.45 -0.13
N LEU A 49 -1.11 14.31 -0.94
CA LEU A 49 -1.51 15.38 -1.85
C LEU A 49 -2.08 16.55 -1.05
N ALA A 50 -2.86 16.24 -0.03
CA ALA A 50 -3.46 17.28 0.81
C ALA A 50 -2.41 17.95 1.67
N ASP A 51 -1.33 17.23 1.96
CA ASP A 51 -0.24 17.79 2.76
C ASP A 51 0.58 18.77 1.93
N LYS A 52 0.93 18.35 0.72
CA LYS A 52 1.69 19.19 -0.19
C LYS A 52 0.87 20.38 -0.66
N GLN A 53 -0.45 20.25 -0.56
CA GLN A 53 -1.36 21.32 -0.91
C GLN A 53 -1.13 22.50 0.03
N GLU A 54 -0.96 22.20 1.31
CA GLU A 54 -0.68 23.23 2.31
C GLU A 54 0.73 23.76 2.10
N HIS A 55 1.66 22.84 1.86
CA HIS A 55 3.08 23.13 1.59
C HIS A 55 3.85 23.63 2.83
N LEU A 56 3.21 24.46 3.63
CA LEU A 56 3.85 25.03 4.81
C LEU A 56 4.05 23.98 5.91
N ASN A 57 3.45 22.81 5.74
CA ASN A 57 3.58 21.74 6.72
C ASN A 57 5.02 21.27 6.77
N GLY A 58 5.60 21.34 7.95
CA GLY A 58 6.96 20.91 8.14
C GLY A 58 7.91 22.08 8.22
N ALA A 59 7.43 23.26 7.87
CA ALA A 59 8.26 24.46 7.87
C ALA A 59 8.14 25.23 9.17
N LEU A 60 7.07 25.03 9.90
CA LEU A 60 6.86 25.74 11.16
C LEU A 60 7.66 25.09 12.28
N ARG A 61 8.79 25.70 12.61
CA ARG A 61 9.66 25.18 13.65
C ARG A 61 9.47 25.97 14.95
N TYR A 62 8.93 27.18 14.82
CA TYR A 62 8.67 28.08 15.97
C TYR A 62 10.00 28.44 16.69
N ILE A 63 11.09 28.37 15.95
CA ILE A 63 12.40 28.67 16.51
C ILE A 63 12.80 30.13 16.21
N ASN A 64 13.61 30.71 17.08
CA ASN A 64 14.07 32.08 16.89
C ASN A 64 15.43 32.05 16.16
N GLU A 65 15.96 33.20 15.71
CA GLU A 65 17.24 33.22 15.04
C GLU A 65 18.36 33.03 16.06
N LYS A 66 18.10 33.54 17.27
CA LYS A 66 19.00 33.42 18.40
C LYS A 66 20.33 34.17 18.15
N GLU A 67 21.25 34.17 19.15
CA GLU A 67 22.55 34.82 19.03
C GLU A 67 22.41 36.30 18.66
N ALA A 68 21.40 36.96 19.20
CA ALA A 68 21.18 38.37 18.93
C ALA A 68 22.23 39.22 19.64
N GLU A 69 22.88 38.62 20.65
CA GLU A 69 23.95 39.29 21.41
C GLU A 69 23.42 40.53 22.13
N ARG A 70 22.12 40.52 22.39
CA ARG A 70 21.43 41.62 23.03
C ARG A 70 21.73 41.70 24.54
N LYS A 71 22.51 40.75 25.04
CA LYS A 71 22.84 40.71 26.46
C LYS A 71 23.78 41.86 26.85
N GLU A 72 24.42 42.47 25.85
CA GLU A 72 25.37 43.56 26.11
C GLU A 72 24.66 44.81 26.64
N LYS A 73 23.34 44.81 26.58
CA LYS A 73 22.54 45.92 27.11
C LYS A 73 22.45 45.79 28.63
N GLU A 74 22.77 44.59 29.13
CA GLU A 74 22.74 44.26 30.56
C GLU A 74 21.31 44.30 31.12
N ALA A 75 20.71 45.48 31.17
CA ALA A 75 19.36 45.63 31.68
C ALA A 75 18.51 46.34 30.64
N GLU A 76 19.05 47.42 30.10
CA GLU A 76 18.36 48.19 29.07
C GLU A 76 19.37 49.06 28.29
N GLN A 77 20.45 49.44 28.96
CA GLN A 77 21.46 50.28 28.37
C GLN A 77 22.84 49.72 28.68
N GLY A 1 -21.39 -37.10 -15.17
CA GLY A 1 -20.17 -36.27 -15.29
C GLY A 1 -19.95 -35.84 -16.72
N SER A 2 -18.70 -35.80 -17.13
CA SER A 2 -18.35 -35.42 -18.48
C SER A 2 -17.59 -36.54 -19.20
N VAL A 3 -17.26 -37.61 -18.47
CA VAL A 3 -16.53 -38.73 -19.05
C VAL A 3 -17.43 -39.56 -19.95
N GLU A 4 -18.73 -39.47 -19.70
CA GLU A 4 -19.72 -40.18 -20.51
C GLU A 4 -20.05 -39.36 -21.74
N LYS A 5 -19.55 -38.14 -21.77
CA LYS A 5 -19.80 -37.22 -22.87
C LYS A 5 -18.50 -36.78 -23.51
N LEU A 6 -17.49 -37.65 -23.48
CA LEU A 6 -16.19 -37.33 -24.07
C LEU A 6 -16.30 -37.15 -25.58
N THR A 7 -17.39 -37.63 -26.15
CA THR A 7 -17.64 -37.45 -27.58
C THR A 7 -17.99 -35.99 -27.87
N ALA A 8 -18.35 -35.27 -26.82
CA ALA A 8 -18.68 -33.86 -26.92
C ALA A 8 -17.59 -33.03 -26.27
N ASP A 9 -16.38 -33.59 -26.22
CA ASP A 9 -15.23 -32.95 -25.59
C ASP A 9 -14.95 -31.58 -26.19
N ALA A 10 -15.06 -31.45 -27.50
CA ALA A 10 -14.81 -30.18 -28.17
C ALA A 10 -15.86 -29.15 -27.80
N GLU A 11 -17.08 -29.63 -27.55
CA GLU A 11 -18.18 -28.74 -27.18
C GLU A 11 -18.02 -28.31 -25.73
N LEU A 12 -17.61 -29.26 -24.89
CA LEU A 12 -17.36 -28.98 -23.48
C LEU A 12 -16.26 -27.95 -23.32
N GLN A 13 -15.19 -28.10 -24.09
CA GLN A 13 -14.08 -27.18 -24.06
C GLN A 13 -14.48 -25.82 -24.61
N ARG A 14 -15.26 -25.82 -25.69
CA ARG A 14 -15.73 -24.58 -26.28
C ARG A 14 -16.57 -23.81 -25.28
N LEU A 15 -17.45 -24.51 -24.58
CA LEU A 15 -18.31 -23.89 -23.58
C LEU A 15 -17.49 -23.37 -22.40
N LYS A 16 -16.38 -24.05 -22.11
CA LYS A 16 -15.53 -23.66 -21.00
C LYS A 16 -14.73 -22.42 -21.36
N ASN A 17 -14.29 -22.35 -22.61
CA ASN A 17 -13.55 -21.19 -23.09
C ASN A 17 -14.48 -20.02 -23.35
N GLU A 18 -15.71 -20.32 -23.75
CA GLU A 18 -16.70 -19.27 -24.00
C GLU A 18 -17.10 -18.61 -22.68
N ARG A 19 -17.10 -19.40 -21.61
CA ARG A 19 -17.38 -18.88 -20.29
C ARG A 19 -16.14 -18.26 -19.70
N HIS A 20 -15.85 -17.04 -20.11
CA HIS A 20 -14.67 -16.33 -19.62
C HIS A 20 -15.00 -15.59 -18.34
N GLU A 21 -16.29 -15.61 -18.00
CA GLU A 21 -16.78 -14.96 -16.79
C GLU A 21 -16.04 -15.46 -15.56
N GLU A 22 -15.97 -16.78 -15.43
CA GLU A 22 -15.35 -17.41 -14.28
C GLU A 22 -13.85 -17.11 -14.20
N ALA A 23 -13.22 -16.90 -15.36
CA ALA A 23 -11.79 -16.58 -15.39
C ALA A 23 -11.54 -15.19 -14.83
N GLU A 24 -12.55 -14.34 -14.93
CA GLU A 24 -12.47 -12.99 -14.40
C GLU A 24 -12.90 -13.00 -12.94
N LEU A 25 -13.84 -13.86 -12.61
CA LEU A 25 -14.35 -13.96 -11.25
C LEU A 25 -13.28 -14.45 -10.30
N GLU A 26 -12.41 -15.37 -10.77
CA GLU A 26 -11.35 -15.90 -9.92
C GLU A 26 -10.38 -14.79 -9.52
N ARG A 27 -10.17 -13.85 -10.43
CA ARG A 27 -9.29 -12.72 -10.16
C ARG A 27 -9.93 -11.81 -9.13
N LEU A 28 -11.24 -11.61 -9.26
CA LEU A 28 -11.99 -10.78 -8.32
C LEU A 28 -12.00 -11.42 -6.93
N LYS A 29 -11.91 -12.74 -6.90
CA LYS A 29 -11.87 -13.47 -5.64
C LYS A 29 -10.47 -13.42 -5.06
N SER A 30 -9.49 -13.17 -5.91
CA SER A 30 -8.12 -13.05 -5.47
C SER A 30 -7.91 -11.69 -4.82
N GLU A 31 -8.73 -10.72 -5.24
CA GLU A 31 -8.69 -9.38 -4.68
C GLU A 31 -9.43 -9.34 -3.34
N ARG A 32 -10.21 -10.38 -3.08
CA ARG A 32 -10.97 -10.49 -1.85
C ARG A 32 -10.01 -10.49 -0.64
N HIS A 33 -10.31 -9.70 0.43
CA HIS A 33 -9.43 -9.58 1.61
C HIS A 33 -8.12 -8.87 1.29
N ASP A 34 -8.00 -8.39 0.05
CA ASP A 34 -6.81 -7.66 -0.38
C ASP A 34 -7.16 -6.24 -0.75
N HIS A 35 -8.45 -5.99 -1.02
CA HIS A 35 -8.94 -4.64 -1.36
C HIS A 35 -8.50 -3.64 -0.30
N ASP A 36 -8.63 -4.04 0.95
CA ASP A 36 -8.28 -3.18 2.09
C ASP A 36 -6.81 -2.81 2.06
N LYS A 37 -5.99 -3.69 1.52
CA LYS A 37 -4.57 -3.42 1.41
C LYS A 37 -4.31 -2.34 0.38
N LYS A 38 -4.97 -2.45 -0.77
CA LYS A 38 -4.82 -1.46 -1.82
C LYS A 38 -5.41 -0.12 -1.40
N GLU A 39 -6.51 -0.17 -0.64
CA GLU A 39 -7.14 1.05 -0.14
C GLU A 39 -6.23 1.73 0.88
N ALA A 40 -5.51 0.93 1.67
CA ALA A 40 -4.59 1.49 2.67
C ALA A 40 -3.34 2.00 1.97
N GLU A 41 -3.07 1.45 0.80
CA GLU A 41 -1.93 1.85 -0.01
C GLU A 41 -2.20 3.21 -0.60
N ARG A 42 -3.41 3.36 -1.13
CA ARG A 42 -3.85 4.62 -1.71
C ARG A 42 -3.91 5.71 -0.67
N LYS A 43 -4.56 5.43 0.46
CA LYS A 43 -4.74 6.42 1.52
C LYS A 43 -3.40 6.94 2.04
N ALA A 44 -2.39 6.08 2.03
CA ALA A 44 -1.07 6.47 2.50
C ALA A 44 -0.47 7.56 1.61
N LEU A 45 -0.81 7.52 0.33
CA LEU A 45 -0.32 8.52 -0.61
C LEU A 45 -1.30 9.68 -0.69
N GLU A 46 -2.58 9.38 -0.49
CA GLU A 46 -3.64 10.37 -0.63
C GLU A 46 -3.58 11.41 0.50
N ASP A 47 -3.19 10.98 1.70
CA ASP A 47 -3.10 11.91 2.81
C ASP A 47 -1.96 12.90 2.60
N LYS A 48 -0.98 12.51 1.80
CA LYS A 48 0.14 13.39 1.52
C LYS A 48 -0.23 14.43 0.47
N LEU A 49 -0.66 13.95 -0.70
CA LEU A 49 -0.98 14.81 -1.84
C LEU A 49 -2.21 15.70 -1.59
N ALA A 50 -3.01 15.36 -0.59
CA ALA A 50 -4.18 16.16 -0.29
C ALA A 50 -3.81 17.43 0.49
N ASP A 51 -2.88 17.31 1.43
CA ASP A 51 -2.45 18.47 2.22
C ASP A 51 -1.26 19.17 1.57
N LYS A 52 -0.27 18.38 1.21
CA LYS A 52 0.92 18.93 0.60
C LYS A 52 0.75 18.99 -0.93
N GLN A 53 1.71 19.57 -1.65
CA GLN A 53 1.58 19.69 -3.07
C GLN A 53 2.91 19.40 -3.80
N GLU A 54 2.87 18.63 -4.92
CA GLU A 54 4.09 18.31 -5.66
C GLU A 54 4.39 19.42 -6.64
N HIS A 55 3.47 20.37 -6.72
CA HIS A 55 3.58 21.54 -7.59
C HIS A 55 4.89 22.29 -7.33
N LEU A 56 5.33 22.29 -6.07
CA LEU A 56 6.55 23.01 -5.69
C LEU A 56 7.78 22.37 -6.34
N ASN A 57 7.68 21.09 -6.65
CA ASN A 57 8.77 20.34 -7.29
C ASN A 57 8.61 20.36 -8.80
N GLY A 58 7.60 21.08 -9.26
CA GLY A 58 7.33 21.13 -10.69
C GLY A 58 6.42 20.00 -11.14
N ALA A 59 5.86 19.27 -10.15
CA ALA A 59 4.96 18.13 -10.40
C ALA A 59 5.69 16.98 -11.10
N LEU A 60 5.76 17.05 -12.42
CA LEU A 60 6.43 16.03 -13.22
C LEU A 60 6.95 16.63 -14.52
N ARG A 61 7.92 15.98 -15.10
CA ARG A 61 8.46 16.40 -16.38
C ARG A 61 8.02 15.42 -17.45
N TYR A 62 8.55 15.57 -18.66
CA TYR A 62 8.25 14.64 -19.71
C TYR A 62 9.39 13.62 -19.81
N ILE A 63 9.18 12.52 -20.53
CA ILE A 63 10.19 11.47 -20.57
C ILE A 63 11.38 11.84 -21.46
N ASN A 64 11.19 12.83 -22.32
CA ASN A 64 12.26 13.27 -23.20
C ASN A 64 13.14 14.32 -22.54
N GLU A 65 12.78 14.71 -21.33
CA GLU A 65 13.58 15.68 -20.57
C GLU A 65 14.65 14.95 -19.79
N LYS A 66 14.58 13.64 -19.83
CA LYS A 66 15.52 12.80 -19.14
C LYS A 66 15.52 11.41 -19.80
N GLU A 67 15.56 11.40 -21.15
CA GLU A 67 15.51 10.16 -21.91
C GLU A 67 16.81 9.36 -21.78
N ALA A 68 17.71 9.83 -20.93
CA ALA A 68 18.96 9.12 -20.64
C ALA A 68 18.65 7.76 -20.01
N GLU A 69 17.42 7.61 -19.52
CA GLU A 69 16.94 6.35 -18.95
C GLU A 69 16.95 5.26 -20.02
N ARG A 70 16.80 5.70 -21.28
CA ARG A 70 16.77 4.80 -22.43
C ARG A 70 18.18 4.48 -22.88
N LYS A 71 19.16 5.18 -22.29
CA LYS A 71 20.56 5.06 -22.69
C LYS A 71 20.74 5.68 -24.10
N GLU A 72 21.94 5.66 -24.68
CA GLU A 72 22.12 6.27 -25.98
C GLU A 72 23.24 5.60 -26.80
N LYS A 73 24.28 5.13 -26.13
CA LYS A 73 25.44 4.60 -26.84
C LYS A 73 25.61 3.09 -26.65
N GLU A 74 25.00 2.53 -25.63
CA GLU A 74 25.13 1.10 -25.34
C GLU A 74 24.34 0.25 -26.34
N ALA A 75 23.24 0.79 -26.81
CA ALA A 75 22.40 0.08 -27.75
C ALA A 75 22.17 0.89 -29.02
N GLU A 76 21.18 0.50 -29.81
CA GLU A 76 20.89 1.19 -31.05
C GLU A 76 19.51 1.86 -30.96
N GLN A 77 18.65 1.31 -30.12
CA GLN A 77 17.33 1.83 -29.92
C GLN A 77 16.94 1.68 -28.45
N GLY A 1 -11.96 3.16 -40.42
CA GLY A 1 -10.52 2.87 -40.44
C GLY A 1 -9.98 2.54 -39.06
N SER A 2 -8.67 2.33 -38.96
CA SER A 2 -8.02 1.96 -37.70
C SER A 2 -7.90 3.14 -36.74
N VAL A 3 -8.29 4.32 -37.20
CA VAL A 3 -8.23 5.53 -36.37
C VAL A 3 -9.27 5.47 -35.24
N GLU A 4 -10.15 4.48 -35.28
CA GLU A 4 -11.17 4.33 -34.27
C GLU A 4 -11.00 2.96 -33.56
N LYS A 5 -11.77 2.72 -32.48
CA LYS A 5 -11.63 1.47 -31.71
C LYS A 5 -12.46 0.33 -32.31
N LEU A 6 -12.35 0.13 -33.62
CA LEU A 6 -13.07 -0.97 -34.28
C LEU A 6 -12.56 -2.32 -33.78
N THR A 7 -11.26 -2.50 -33.87
CA THR A 7 -10.64 -3.73 -33.44
C THR A 7 -9.86 -3.51 -32.12
N ALA A 8 -9.26 -4.57 -31.57
CA ALA A 8 -8.52 -4.45 -30.32
C ALA A 8 -7.06 -4.82 -30.52
N ASP A 9 -6.61 -4.77 -31.77
CA ASP A 9 -5.24 -5.10 -32.10
C ASP A 9 -4.26 -4.13 -31.45
N ALA A 10 -4.71 -2.89 -31.25
CA ALA A 10 -3.88 -1.88 -30.59
C ALA A 10 -3.77 -2.15 -29.10
N GLU A 11 -4.81 -2.78 -28.54
CA GLU A 11 -4.80 -3.13 -27.13
C GLU A 11 -3.87 -4.29 -26.90
N LEU A 12 -3.94 -5.28 -27.79
CA LEU A 12 -3.07 -6.45 -27.73
C LEU A 12 -1.62 -6.02 -27.87
N GLN A 13 -1.37 -5.07 -28.75
CA GLN A 13 -0.01 -4.55 -28.99
C GLN A 13 0.56 -3.97 -27.70
N ARG A 14 -0.27 -3.26 -26.95
CA ARG A 14 0.15 -2.65 -25.70
C ARG A 14 0.40 -3.72 -24.64
N LEU A 15 -0.54 -4.64 -24.50
CA LEU A 15 -0.43 -5.73 -23.53
C LEU A 15 0.75 -6.64 -23.87
N LYS A 16 1.12 -6.66 -25.14
CA LYS A 16 2.25 -7.43 -25.62
C LYS A 16 3.56 -6.80 -25.16
N ASN A 17 3.53 -5.49 -24.98
CA ASN A 17 4.71 -4.76 -24.53
C ASN A 17 4.75 -4.68 -23.00
N GLU A 18 3.58 -4.62 -22.38
CA GLU A 18 3.50 -4.54 -20.93
C GLU A 18 3.73 -5.90 -20.30
N ARG A 19 2.80 -6.83 -20.56
CA ARG A 19 2.86 -8.20 -20.03
C ARG A 19 2.89 -8.21 -18.49
N HIS A 20 2.41 -7.14 -17.89
CA HIS A 20 2.44 -6.99 -16.43
C HIS A 20 1.28 -7.69 -15.76
N GLU A 21 0.41 -8.32 -16.55
CA GLU A 21 -0.75 -9.03 -15.99
C GLU A 21 -0.32 -10.06 -14.96
N GLU A 22 0.54 -10.98 -15.37
CA GLU A 22 1.01 -12.05 -14.51
C GLU A 22 1.92 -11.51 -13.40
N ALA A 23 2.52 -10.35 -13.63
CA ALA A 23 3.38 -9.74 -12.63
C ALA A 23 2.55 -9.25 -11.45
N GLU A 24 1.31 -8.85 -11.72
CA GLU A 24 0.41 -8.43 -10.67
C GLU A 24 -0.19 -9.65 -10.02
N LEU A 25 -0.49 -10.66 -10.83
CA LEU A 25 -1.09 -11.89 -10.34
C LEU A 25 -0.17 -12.60 -9.37
N GLU A 26 1.14 -12.54 -9.61
CA GLU A 26 2.10 -13.19 -8.72
C GLU A 26 2.01 -12.62 -7.32
N ARG A 27 1.86 -11.30 -7.25
CA ARG A 27 1.73 -10.61 -5.97
C ARG A 27 0.44 -11.03 -5.29
N LEU A 28 -0.62 -11.16 -6.07
CA LEU A 28 -1.93 -11.53 -5.53
C LEU A 28 -1.96 -13.01 -5.12
N LYS A 29 -1.16 -13.83 -5.79
CA LYS A 29 -1.14 -15.25 -5.48
C LYS A 29 -0.23 -15.54 -4.29
N SER A 30 0.77 -14.69 -4.09
CA SER A 30 1.71 -14.86 -3.00
C SER A 30 1.21 -14.17 -1.73
N GLU A 31 0.44 -13.10 -1.90
CA GLU A 31 -0.07 -12.37 -0.76
C GLU A 31 -1.59 -12.12 -0.91
N ARG A 32 -2.40 -12.56 0.05
CA ARG A 32 -3.81 -12.29 0.01
C ARG A 32 -4.09 -10.97 0.75
N HIS A 33 -3.71 -9.83 0.13
CA HIS A 33 -3.89 -8.48 0.73
C HIS A 33 -5.34 -8.21 1.15
N ASP A 34 -6.26 -8.99 0.59
CA ASP A 34 -7.69 -8.94 0.96
C ASP A 34 -8.29 -7.55 0.75
N HIS A 35 -7.79 -6.83 -0.26
CA HIS A 35 -8.33 -5.51 -0.65
C HIS A 35 -7.94 -4.38 0.33
N ASP A 36 -7.89 -4.69 1.63
CA ASP A 36 -7.59 -3.69 2.67
C ASP A 36 -6.29 -2.94 2.41
N LYS A 37 -5.22 -3.68 2.13
CA LYS A 37 -3.92 -3.06 1.89
C LYS A 37 -3.95 -2.13 0.69
N LYS A 38 -4.73 -2.50 -0.33
CA LYS A 38 -4.82 -1.70 -1.54
C LYS A 38 -5.48 -0.35 -1.26
N GLU A 39 -6.48 -0.36 -0.39
CA GLU A 39 -7.14 0.87 -0.01
C GLU A 39 -6.22 1.74 0.83
N ALA A 40 -5.30 1.10 1.55
CA ALA A 40 -4.34 1.82 2.38
C ALA A 40 -3.29 2.49 1.50
N GLU A 41 -3.10 1.95 0.29
CA GLU A 41 -2.15 2.52 -0.65
C GLU A 41 -2.70 3.83 -1.20
N ARG A 42 -3.91 3.77 -1.73
CA ARG A 42 -4.55 4.94 -2.32
C ARG A 42 -4.88 6.00 -1.28
N LYS A 43 -5.43 5.56 -0.15
CA LYS A 43 -5.81 6.49 0.91
C LYS A 43 -4.61 7.26 1.46
N ALA A 44 -3.48 6.58 1.67
CA ALA A 44 -2.31 7.23 2.24
C ALA A 44 -1.56 8.04 1.20
N LEU A 45 -1.67 7.66 -0.07
CA LEU A 45 -0.95 8.35 -1.13
C LEU A 45 -1.59 9.70 -1.43
N GLU A 46 -2.91 9.76 -1.42
CA GLU A 46 -3.61 11.00 -1.72
C GLU A 46 -3.75 11.86 -0.47
N ASP A 47 -3.80 11.23 0.69
CA ASP A 47 -3.94 11.97 1.94
C ASP A 47 -2.66 12.76 2.23
N LYS A 48 -1.50 12.18 1.88
CA LYS A 48 -0.23 12.86 2.11
C LYS A 48 0.04 13.88 1.02
N LEU A 49 -0.52 13.65 -0.15
CA LEU A 49 -0.32 14.59 -1.27
C LEU A 49 -1.08 15.89 -1.00
N ALA A 50 -2.21 15.78 -0.33
CA ALA A 50 -3.01 16.95 0.02
C ALA A 50 -2.54 17.55 1.35
N ASP A 51 -1.91 16.73 2.18
CA ASP A 51 -1.42 17.18 3.48
C ASP A 51 -0.07 17.87 3.32
N LYS A 52 0.76 17.32 2.43
CA LYS A 52 2.11 17.86 2.12
C LYS A 52 3.11 17.62 3.24
N GLN A 53 2.64 17.02 4.34
CA GLN A 53 3.46 16.66 5.49
C GLN A 53 4.10 17.90 6.14
N GLU A 54 5.11 17.68 6.96
CA GLU A 54 5.80 18.76 7.62
C GLU A 54 7.17 18.97 6.99
N HIS A 55 7.51 20.21 6.74
CA HIS A 55 8.78 20.54 6.13
C HIS A 55 9.14 21.99 6.43
N LEU A 56 10.22 22.50 5.82
CA LEU A 56 10.67 23.87 6.08
C LEU A 56 9.65 24.88 5.61
N ASN A 57 9.27 24.77 4.33
CA ASN A 57 8.29 25.69 3.70
C ASN A 57 8.84 27.11 3.68
N GLY A 58 9.44 27.48 2.57
CA GLY A 58 10.01 28.80 2.46
C GLY A 58 9.88 29.37 1.08
N ALA A 59 8.79 28.99 0.37
CA ALA A 59 8.54 29.48 -0.99
C ALA A 59 9.66 29.02 -1.93
N LEU A 60 10.22 27.84 -1.65
CA LEU A 60 11.31 27.28 -2.45
C LEU A 60 10.92 27.13 -3.91
N ARG A 61 11.50 27.97 -4.74
CA ARG A 61 11.28 27.94 -6.17
C ARG A 61 12.61 28.19 -6.87
N TYR A 62 12.59 28.40 -8.19
CA TYR A 62 13.83 28.63 -8.91
C TYR A 62 13.73 29.90 -9.77
N ILE A 63 14.83 30.30 -10.42
CA ILE A 63 14.84 31.51 -11.24
C ILE A 63 14.16 31.27 -12.58
N ASN A 64 14.15 30.02 -12.99
CA ASN A 64 13.56 29.63 -14.25
C ASN A 64 12.15 29.08 -14.02
N GLU A 65 11.44 29.69 -13.07
CA GLU A 65 10.07 29.26 -12.73
C GLU A 65 9.18 29.17 -13.96
N LYS A 66 9.32 30.14 -14.85
CA LYS A 66 8.49 30.21 -16.06
C LYS A 66 8.98 29.22 -17.13
N GLU A 67 10.14 28.58 -16.89
CA GLU A 67 10.73 27.61 -17.84
C GLU A 67 11.12 28.29 -19.15
N ALA A 68 11.18 29.61 -19.13
CA ALA A 68 11.45 30.41 -20.33
C ALA A 68 12.93 30.56 -20.62
N GLU A 69 13.77 30.02 -19.73
CA GLU A 69 15.25 30.09 -19.89
C GLU A 69 15.74 31.55 -19.91
N ARG A 70 14.94 32.44 -19.31
CA ARG A 70 15.25 33.87 -19.29
C ARG A 70 15.24 34.45 -20.70
N LYS A 71 14.62 33.70 -21.61
CA LYS A 71 14.53 34.06 -23.04
C LYS A 71 15.91 34.05 -23.69
N GLU A 72 16.92 33.53 -22.95
CA GLU A 72 18.33 33.46 -23.41
C GLU A 72 18.76 34.75 -24.12
N LYS A 73 18.26 35.90 -23.61
CA LYS A 73 18.51 37.20 -24.21
C LYS A 73 20.03 37.47 -24.35
N GLU A 74 20.41 38.41 -25.25
CA GLU A 74 21.82 38.64 -25.55
C GLU A 74 22.49 39.54 -24.51
N ALA A 75 21.69 40.06 -23.57
CA ALA A 75 22.20 40.95 -22.51
C ALA A 75 22.76 42.23 -23.12
N GLU A 76 22.25 42.57 -24.32
CA GLU A 76 22.65 43.77 -25.04
C GLU A 76 24.13 43.69 -25.50
N GLN A 77 24.44 42.75 -26.43
CA GLN A 77 25.78 42.62 -27.01
C GLN A 77 26.83 42.27 -25.96
N GLY A 1 9.01 -48.41 7.94
CA GLY A 1 10.18 -47.77 8.57
C GLY A 1 11.46 -48.42 8.14
N SER A 2 11.97 -48.04 6.99
CA SER A 2 13.20 -48.61 6.47
C SER A 2 14.32 -47.58 6.44
N VAL A 3 13.96 -46.33 6.21
CA VAL A 3 14.93 -45.25 6.19
C VAL A 3 15.34 -44.92 7.62
N GLU A 4 14.36 -44.93 8.50
CA GLU A 4 14.60 -44.72 9.91
C GLU A 4 14.38 -46.06 10.65
N LYS A 5 14.86 -46.19 11.89
CA LYS A 5 14.73 -47.45 12.63
C LYS A 5 13.45 -47.46 13.45
N LEU A 6 12.61 -46.47 13.22
CA LEU A 6 11.32 -46.40 13.87
C LEU A 6 10.24 -46.79 12.86
N THR A 7 9.00 -46.47 13.15
CA THR A 7 7.93 -46.80 12.22
C THR A 7 7.60 -45.57 11.36
N ALA A 8 6.71 -45.73 10.38
CA ALA A 8 6.36 -44.60 9.52
C ALA A 8 5.40 -43.67 10.25
N ASP A 9 4.64 -44.23 11.17
CA ASP A 9 3.68 -43.46 11.96
C ASP A 9 4.42 -42.60 12.98
N ALA A 10 5.57 -43.10 13.45
CA ALA A 10 6.34 -42.37 14.45
C ALA A 10 6.96 -41.10 13.88
N GLU A 11 7.29 -41.13 12.59
CA GLU A 11 7.87 -39.96 11.95
C GLU A 11 6.80 -38.92 11.69
N LEU A 12 5.65 -39.38 11.22
CA LEU A 12 4.52 -38.51 10.96
C LEU A 12 4.02 -37.91 12.26
N GLN A 13 4.04 -38.72 13.31
CA GLN A 13 3.62 -38.28 14.64
C GLN A 13 4.59 -37.21 15.14
N ARG A 14 5.87 -37.45 14.91
CA ARG A 14 6.93 -36.51 15.30
C ARG A 14 6.68 -35.12 14.70
N LEU A 15 6.45 -35.11 13.38
CA LEU A 15 6.22 -33.85 12.66
C LEU A 15 4.90 -33.20 13.07
N LYS A 16 3.94 -34.00 13.51
CA LYS A 16 2.65 -33.47 13.91
C LYS A 16 2.69 -32.95 15.34
N ASN A 17 3.41 -33.67 16.20
CA ASN A 17 3.53 -33.30 17.61
C ASN A 17 4.36 -32.03 17.76
N GLU A 18 5.29 -31.83 16.85
CA GLU A 18 6.14 -30.64 16.90
C GLU A 18 5.37 -29.42 16.41
N ARG A 19 4.23 -29.68 15.76
CA ARG A 19 3.34 -28.65 15.24
C ARG A 19 3.96 -27.94 14.02
N HIS A 20 3.25 -27.94 12.92
CA HIS A 20 3.74 -27.29 11.70
C HIS A 20 3.76 -25.79 11.86
N GLU A 21 2.62 -25.24 12.32
CA GLU A 21 2.47 -23.79 12.61
C GLU A 21 2.44 -22.93 11.33
N GLU A 22 3.50 -23.00 10.54
CA GLU A 22 3.62 -22.18 9.34
C GLU A 22 2.52 -22.51 8.34
N ALA A 23 2.05 -23.76 8.37
CA ALA A 23 0.98 -24.18 7.47
C ALA A 23 -0.33 -23.46 7.79
N GLU A 24 -0.51 -23.08 9.04
CA GLU A 24 -1.72 -22.38 9.44
C GLU A 24 -1.56 -20.88 9.20
N LEU A 25 -0.37 -20.37 9.46
CA LEU A 25 -0.09 -18.94 9.28
C LEU A 25 -0.04 -18.60 7.79
N GLU A 26 0.40 -19.54 6.97
CA GLU A 26 0.45 -19.32 5.52
C GLU A 26 -0.95 -19.44 4.97
N ARG A 27 -1.70 -20.40 5.49
CA ARG A 27 -3.08 -20.64 5.10
C ARG A 27 -3.92 -19.40 5.42
N LEU A 28 -3.57 -18.74 6.52
CA LEU A 28 -4.30 -17.53 6.95
C LEU A 28 -4.23 -16.44 5.90
N LYS A 29 -3.13 -16.39 5.16
CA LYS A 29 -2.95 -15.36 4.13
C LYS A 29 -3.85 -15.62 2.94
N SER A 30 -4.16 -16.90 2.71
CA SER A 30 -5.06 -17.28 1.63
C SER A 30 -6.51 -17.34 2.13
N GLU A 31 -6.67 -17.60 3.42
CA GLU A 31 -7.99 -17.69 4.04
C GLU A 31 -8.62 -16.32 4.16
N ARG A 32 -7.79 -15.31 4.38
CA ARG A 32 -8.27 -13.96 4.46
C ARG A 32 -8.09 -13.32 3.08
N HIS A 33 -8.75 -12.20 2.80
CA HIS A 33 -8.63 -11.60 1.50
C HIS A 33 -7.59 -10.46 1.54
N ASP A 34 -7.24 -9.90 0.38
CA ASP A 34 -6.29 -8.82 0.31
C ASP A 34 -6.79 -7.76 -0.64
N HIS A 35 -7.24 -6.66 -0.09
CA HIS A 35 -7.79 -5.57 -0.87
C HIS A 35 -7.84 -4.31 -0.04
N ASP A 36 -8.31 -4.43 1.19
CA ASP A 36 -8.40 -3.30 2.11
C ASP A 36 -7.02 -2.68 2.32
N LYS A 37 -6.01 -3.55 2.35
CA LYS A 37 -4.64 -3.12 2.51
C LYS A 37 -4.21 -2.20 1.37
N LYS A 38 -4.56 -2.59 0.14
CA LYS A 38 -4.17 -1.80 -1.02
C LYS A 38 -5.00 -0.53 -1.11
N GLU A 39 -6.18 -0.55 -0.51
CA GLU A 39 -7.00 0.65 -0.47
C GLU A 39 -6.35 1.68 0.44
N ALA A 40 -5.64 1.19 1.46
CA ALA A 40 -4.91 2.06 2.36
C ALA A 40 -3.64 2.53 1.69
N GLU A 41 -3.22 1.79 0.68
CA GLU A 41 -2.07 2.15 -0.14
C GLU A 41 -2.44 3.34 -1.01
N ARG A 42 -3.62 3.25 -1.62
CA ARG A 42 -4.16 4.33 -2.44
C ARG A 42 -4.39 5.56 -1.57
N LYS A 43 -5.03 5.34 -0.43
CA LYS A 43 -5.35 6.43 0.50
C LYS A 43 -4.07 7.09 1.05
N ALA A 44 -2.99 6.32 1.14
CA ALA A 44 -1.72 6.85 1.64
C ALA A 44 -1.20 7.96 0.74
N LEU A 45 -1.59 7.93 -0.52
CA LEU A 45 -1.17 8.95 -1.47
C LEU A 45 -2.11 10.16 -1.38
N GLU A 46 -3.36 9.90 -1.02
CA GLU A 46 -4.34 10.98 -0.92
C GLU A 46 -4.12 11.81 0.35
N ASP A 47 -3.71 11.14 1.44
CA ASP A 47 -3.45 11.85 2.70
C ASP A 47 -2.20 12.68 2.60
N LYS A 48 -1.27 12.25 1.77
CA LYS A 48 -0.02 12.97 1.61
C LYS A 48 -0.18 14.11 0.62
N LEU A 49 -0.89 13.85 -0.48
CA LEU A 49 -1.11 14.85 -1.53
C LEU A 49 -1.90 16.05 -0.98
N ALA A 50 -2.68 15.79 0.06
CA ALA A 50 -3.48 16.85 0.68
C ALA A 50 -2.65 17.63 1.69
N ASP A 51 -1.55 17.04 2.13
CA ASP A 51 -0.66 17.71 3.08
C ASP A 51 0.38 18.55 2.35
N LYS A 52 1.05 17.94 1.39
CA LYS A 52 2.05 18.62 0.58
C LYS A 52 2.38 17.78 -0.65
N GLN A 53 3.42 18.17 -1.42
CA GLN A 53 3.77 17.47 -2.66
C GLN A 53 2.63 17.61 -3.69
N GLU A 54 1.69 18.50 -3.37
CA GLU A 54 0.54 18.76 -4.20
C GLU A 54 0.96 19.28 -5.57
N HIS A 55 0.21 18.91 -6.59
CA HIS A 55 0.52 19.33 -7.94
C HIS A 55 -0.35 20.50 -8.37
N LEU A 56 -1.63 20.45 -7.98
CA LEU A 56 -2.62 21.48 -8.32
C LEU A 56 -2.71 21.66 -9.85
N ASN A 57 -3.47 22.69 -10.29
CA ASN A 57 -3.61 23.02 -11.74
C ASN A 57 -4.24 21.87 -12.52
N GLY A 58 -4.73 20.86 -11.81
CA GLY A 58 -5.31 19.69 -12.46
C GLY A 58 -4.28 18.91 -13.26
N ALA A 59 -2.98 19.17 -12.97
CA ALA A 59 -1.86 18.52 -13.70
C ALA A 59 -1.91 18.83 -15.19
N LEU A 60 -2.57 19.94 -15.54
CA LEU A 60 -2.73 20.33 -16.92
C LEU A 60 -1.59 21.22 -17.39
N ARG A 61 -1.04 20.90 -18.54
CA ARG A 61 0.05 21.66 -19.13
C ARG A 61 -0.49 22.76 -20.02
N TYR A 62 -1.79 22.70 -20.28
CA TYR A 62 -2.47 23.67 -21.13
C TYR A 62 -2.44 25.08 -20.52
N ILE A 63 -2.19 25.15 -19.22
CA ILE A 63 -2.14 26.44 -18.54
C ILE A 63 -0.91 27.22 -18.98
N ASN A 64 0.15 26.50 -19.32
CA ASN A 64 1.38 27.12 -19.79
C ASN A 64 1.28 27.41 -21.28
N GLU A 65 0.30 26.80 -21.91
CA GLU A 65 0.08 26.96 -23.34
C GLU A 65 -0.87 28.12 -23.60
N LYS A 66 -0.33 29.22 -24.12
CA LYS A 66 -1.13 30.37 -24.44
C LYS A 66 -1.89 30.14 -25.74
N GLU A 67 -1.34 29.28 -26.60
CA GLU A 67 -1.95 28.95 -27.88
C GLU A 67 -2.24 30.24 -28.68
N ALA A 68 -1.28 31.17 -28.68
CA ALA A 68 -1.43 32.45 -29.39
C ALA A 68 -1.29 32.26 -30.90
N GLU A 69 -1.00 31.03 -31.32
CA GLU A 69 -0.84 30.66 -32.74
C GLU A 69 0.42 31.28 -33.34
N ARG A 70 0.40 32.59 -33.61
CA ARG A 70 1.56 33.31 -34.18
C ARG A 70 1.89 32.76 -35.59
N LYS A 71 0.93 32.09 -36.19
CA LYS A 71 1.13 31.44 -37.50
C LYS A 71 1.36 32.48 -38.59
N GLU A 72 0.58 33.54 -38.58
CA GLU A 72 0.71 34.58 -39.58
C GLU A 72 1.85 35.54 -39.23
N LYS A 73 2.42 35.36 -38.03
CA LYS A 73 3.53 36.22 -37.55
C LYS A 73 3.02 37.67 -37.45
N GLU A 74 3.94 38.64 -37.33
CA GLU A 74 3.58 40.08 -37.31
C GLU A 74 2.77 40.47 -36.05
N ALA A 75 2.68 39.55 -35.09
CA ALA A 75 1.97 39.84 -33.84
C ALA A 75 2.84 40.71 -32.96
N GLU A 76 4.08 40.31 -32.84
CA GLU A 76 5.07 41.06 -32.10
C GLU A 76 6.32 41.19 -32.95
N GLN A 77 6.61 40.12 -33.68
CA GLN A 77 7.69 40.06 -34.62
C GLN A 77 7.50 38.83 -35.50
#